data_3Q8V
#
_entry.id   3Q8V
#
_cell.length_a   186.665
_cell.length_b   72.916
_cell.length_c   102.144
_cell.angle_alpha   90.00
_cell.angle_beta   108.42
_cell.angle_gamma   90.00
#
_symmetry.space_group_name_H-M   'C 1 2 1'
#
loop_
_entity.id
_entity.type
_entity.pdbx_description
1 polymer 'Nucleoside diphosphate kinase'
2 non-polymer "URIDINE-5'-DIPHOSPHATE"
3 non-polymer 'MAGNESIUM ION'
4 water water
#
_entity_poly.entity_id   1
_entity_poly.type   'polypeptide(L)'
_entity_poly.pdbx_seq_one_letter_code
;MERTFLMIKPDAVQRNLIGEVISRIERKGLKLVGGKLMQVPMELAETHYGEHQGKPFYNDLISFITSAPVFAMVVEGEDA
VNVSRHIIGSTNPSEASPGSIRGDLGLTVGRNIIHGSDSLESAEREINLWFNENEITSYASPRDAWLYELEHHHHHH
;
_entity_poly.pdbx_strand_id   A,B,C,D,E,F,G,H
#
# COMPACT_ATOMS: atom_id res chain seq x y z
N MET A 1 -6.30 34.08 7.47
CA MET A 1 -6.38 32.65 7.83
C MET A 1 -5.51 32.33 9.06
N GLU A 2 -5.95 31.35 9.87
CA GLU A 2 -5.30 31.00 11.12
C GLU A 2 -3.82 30.58 10.92
N ARG A 3 -2.99 31.05 11.84
CA ARG A 3 -1.57 30.80 11.80
C ARG A 3 -1.08 30.23 13.11
N THR A 4 0.00 29.43 13.04
CA THR A 4 0.59 28.96 14.27
C THR A 4 2.09 29.03 14.17
N PHE A 5 2.76 29.00 15.32
CA PHE A 5 4.22 28.96 15.34
C PHE A 5 4.73 27.55 15.60
N LEU A 6 5.61 27.05 14.70
CA LEU A 6 6.23 25.74 14.83
C LEU A 6 7.74 25.88 14.84
N MET A 7 8.39 25.01 15.58
CA MET A 7 9.80 25.09 15.64
C MET A 7 10.41 23.68 15.70
N ILE A 8 11.26 23.37 14.71
CA ILE A 8 12.01 22.13 14.72
C ILE A 8 13.17 22.28 15.69
N LYS A 9 13.21 21.43 16.71
CA LYS A 9 14.16 21.60 17.80
C LYS A 9 15.57 21.09 17.43
N PRO A 10 16.60 21.47 18.23
CA PRO A 10 17.98 21.07 17.94
C PRO A 10 18.20 19.56 17.84
N ASP A 11 17.42 18.79 18.59
CA ASP A 11 17.48 17.32 18.44
C ASP A 11 17.12 16.87 17.01
N ALA A 12 16.07 17.44 16.44
CA ALA A 12 15.73 17.10 15.06
C ALA A 12 16.74 17.61 14.06
N VAL A 13 17.26 18.80 14.29
CA VAL A 13 18.30 19.34 13.43
C VAL A 13 19.58 18.47 13.46
N GLN A 14 19.97 18.00 14.64
CA GLN A 14 21.21 17.21 14.78
C GLN A 14 21.01 15.76 14.40
N ARG A 15 19.75 15.39 14.22
CA ARG A 15 19.43 14.06 13.76
C ARG A 15 19.17 14.03 12.25
N ASN A 16 19.20 15.21 11.63
CA ASN A 16 19.06 15.31 10.19
C ASN A 16 17.64 15.00 9.77
N LEU A 17 16.67 15.46 10.56
CA LEU A 17 15.25 15.18 10.31
C LEU A 17 14.44 16.41 9.85
N ILE A 18 15.15 17.49 9.51
CA ILE A 18 14.44 18.72 9.10
C ILE A 18 13.51 18.46 7.89
N GLY A 19 14.01 17.84 6.83
CA GLY A 19 13.17 17.52 5.68
C GLY A 19 11.97 16.61 5.96
N GLU A 20 12.24 15.50 6.66
CA GLU A 20 11.18 14.59 7.12
C GLU A 20 10.10 15.32 7.90
N VAL A 21 10.47 16.18 8.85
CA VAL A 21 9.47 16.91 9.62
C VAL A 21 8.68 17.90 8.76
N ILE A 22 9.37 18.67 7.91
CA ILE A 22 8.66 19.57 7.02
C ILE A 22 7.70 18.77 6.12
N SER A 23 8.18 17.66 5.58
CA SER A 23 7.25 16.85 4.77
C SER A 23 5.93 16.52 5.41
N ARG A 24 5.96 16.16 6.67
CA ARG A 24 4.73 15.76 7.39
C ARG A 24 3.80 16.97 7.60
N ILE A 25 4.38 18.11 7.96
CA ILE A 25 3.62 19.40 8.00
C ILE A 25 2.97 19.77 6.65
N GLU A 26 3.76 19.77 5.57
CA GLU A 26 3.32 20.10 4.20
C GLU A 26 2.22 19.19 3.68
N ARG A 27 2.37 17.88 3.86
CA ARG A 27 1.46 16.88 3.26
C ARG A 27 0.10 16.90 3.94
N LYS A 28 0.05 17.46 5.14
CA LYS A 28 -1.18 17.60 5.88
C LYS A 28 -2.05 18.71 5.29
N GLY A 29 -1.44 19.68 4.58
CA GLY A 29 -2.21 20.75 3.92
C GLY A 29 -1.88 22.09 4.49
N LEU A 30 -1.12 22.11 5.56
CA LEU A 30 -0.68 23.35 6.18
C LEU A 30 0.29 24.06 5.26
N LYS A 31 0.17 25.37 5.16
CA LYS A 31 0.98 26.16 4.27
C LYS A 31 2.14 26.80 5.03
N LEU A 32 3.36 26.51 4.58
CA LEU A 32 4.53 27.20 5.12
C LEU A 32 4.58 28.65 4.63
N VAL A 33 4.58 29.57 5.55
CA VAL A 33 4.43 30.97 5.22
C VAL A 33 5.60 31.81 5.80
N GLY A 34 6.22 31.30 6.84
CA GLY A 34 7.46 31.83 7.37
C GLY A 34 8.40 30.68 7.74
N GLY A 35 9.68 30.82 7.44
CA GLY A 35 10.62 29.74 7.71
C GLY A 35 12.04 30.23 7.75
N LYS A 36 12.76 29.95 8.85
CA LYS A 36 14.18 30.30 8.92
C LYS A 36 15.00 29.40 9.84
N LEU A 37 16.17 28.99 9.37
CA LEU A 37 17.13 28.34 10.24
C LEU A 37 17.91 29.39 11.05
N MET A 38 17.94 29.23 12.36
CA MET A 38 18.60 30.21 13.23
C MET A 38 19.19 29.59 14.50
N GLN A 39 20.30 30.16 14.93
CA GLN A 39 20.78 30.00 16.29
C GLN A 39 19.91 30.88 17.21
N VAL A 40 19.47 30.30 18.33
CA VAL A 40 18.56 30.97 19.24
C VAL A 40 19.30 31.77 20.30
N PRO A 41 19.15 33.11 20.28
CA PRO A 41 19.81 33.89 21.33
C PRO A 41 19.16 33.65 22.68
N MET A 42 19.95 33.83 23.75
CA MET A 42 19.52 33.69 25.13
C MET A 42 18.25 34.47 25.52
N GLU A 43 18.26 35.75 25.15
CA GLU A 43 17.13 36.67 25.36
C GLU A 43 15.81 36.08 24.83
N LEU A 44 15.84 35.57 23.61
CA LEU A 44 14.69 34.96 22.97
C LEU A 44 14.26 33.60 23.58
N ALA A 45 15.22 32.76 23.95
CA ALA A 45 14.91 31.46 24.56
C ALA A 45 14.14 31.63 25.87
N GLU A 46 14.68 32.48 26.75
CA GLU A 46 14.09 32.77 28.07
C GLU A 46 12.71 33.40 27.98
N THR A 47 12.55 34.40 27.12
CA THR A 47 11.22 34.94 26.96
C THR A 47 10.20 33.97 26.30
N HIS A 48 10.64 33.18 25.30
CA HIS A 48 9.81 32.13 24.68
C HIS A 48 9.29 31.09 25.69
N TYR A 49 10.19 30.61 26.53
CA TYR A 49 9.81 29.63 27.53
C TYR A 49 9.62 30.29 28.91
N GLY A 50 9.12 31.52 28.92
CA GLY A 50 8.81 32.27 30.15
C GLY A 50 7.91 31.57 31.16
N GLU A 51 6.88 30.86 30.65
CA GLU A 51 5.83 30.27 31.46
C GLU A 51 6.36 29.08 32.26
N HIS A 52 7.43 28.45 31.80
CA HIS A 52 8.06 27.31 32.53
C HIS A 52 9.12 27.72 33.56
N GLN A 53 9.31 29.04 33.74
CA GLN A 53 10.42 29.68 34.48
C GLN A 53 10.93 29.09 35.82
N GLY A 54 10.01 28.56 36.64
CA GLY A 54 10.35 27.99 37.96
C GLY A 54 10.69 26.51 37.94
N LYS A 55 10.15 25.76 36.99
CA LYS A 55 10.00 24.31 36.94
C LYS A 55 11.34 23.61 36.81
N PRO A 56 11.32 22.19 37.23
CA PRO A 56 12.52 21.33 37.18
C PRO A 56 13.21 21.25 35.81
N PHE A 57 12.44 21.19 34.72
CA PHE A 57 13.03 21.05 33.40
C PHE A 57 13.50 22.38 32.77
N TYR A 58 13.65 23.45 33.56
CA TYR A 58 13.89 24.78 32.99
C TYR A 58 15.29 25.02 32.45
N ASN A 59 16.28 25.01 33.34
CA ASN A 59 17.65 25.33 32.95
C ASN A 59 18.08 24.48 31.78
N ASP A 60 17.60 23.25 31.80
CA ASP A 60 17.97 22.32 30.77
C ASP A 60 17.34 22.73 29.47
N LEU A 61 16.05 23.08 29.51
CA LEU A 61 15.31 23.55 28.33
C LEU A 61 16.06 24.67 27.65
N ILE A 62 16.61 25.59 28.42
CA ILE A 62 17.26 26.76 27.88
C ILE A 62 18.60 26.42 27.20
N SER A 63 19.40 25.58 27.83
CA SER A 63 20.67 25.21 27.24
C SER A 63 20.43 24.25 26.08
N PHE A 64 19.35 23.48 26.13
CA PHE A 64 19.05 22.56 25.02
C PHE A 64 18.61 23.36 23.79
N ILE A 65 17.73 24.33 24.01
CA ILE A 65 17.18 25.08 22.88
C ILE A 65 18.21 26.05 22.29
N THR A 66 19.29 26.28 23.01
CA THR A 66 20.40 27.16 22.56
C THR A 66 21.62 26.36 22.10
N SER A 67 21.55 25.02 22.13
CA SER A 67 22.72 24.18 21.90
C SER A 67 23.07 23.91 20.44
N ALA A 68 22.10 24.10 19.54
CA ALA A 68 22.31 23.99 18.10
C ALA A 68 21.17 24.77 17.45
N PRO A 69 21.24 24.99 16.13
CA PRO A 69 20.21 25.78 15.48
C PRO A 69 18.84 25.11 15.51
N VAL A 70 17.78 25.94 15.44
CA VAL A 70 16.43 25.43 15.25
C VAL A 70 15.93 25.86 13.90
N PHE A 71 14.83 25.25 13.44
CA PHE A 71 14.12 25.76 12.27
C PHE A 71 12.78 26.32 12.68
N ALA A 72 12.68 27.64 12.65
CA ALA A 72 11.48 28.32 13.14
C ALA A 72 10.53 28.57 11.99
N MET A 73 9.25 28.29 12.21
CA MET A 73 8.26 28.32 11.13
C MET A 73 7.00 29.03 11.53
N VAL A 74 6.39 29.70 10.57
CA VAL A 74 5.03 30.10 10.70
C VAL A 74 4.25 29.36 9.65
N VAL A 75 3.12 28.82 10.08
CA VAL A 75 2.36 27.89 9.29
C VAL A 75 0.88 28.30 9.28
N GLU A 76 0.24 28.23 8.13
CA GLU A 76 -1.07 28.81 7.94
C GLU A 76 -2.06 27.74 7.48
N GLY A 77 -3.28 27.79 8.00
CA GLY A 77 -4.32 26.90 7.56
C GLY A 77 -5.54 27.02 8.44
N GLU A 78 -6.68 26.57 7.94
CA GLU A 78 -7.85 26.49 8.79
C GLU A 78 -7.52 25.63 9.99
N ASP A 79 -7.77 26.19 11.16
CA ASP A 79 -7.65 25.46 12.42
C ASP A 79 -6.17 25.00 12.66
N ALA A 80 -5.24 25.76 12.11
CA ALA A 80 -3.81 25.49 12.14
C ALA A 80 -3.20 25.10 13.51
N VAL A 81 -3.60 25.82 14.56
CA VAL A 81 -3.05 25.61 15.88
C VAL A 81 -3.35 24.15 16.30
N ASN A 82 -4.62 23.76 16.27
CA ASN A 82 -4.99 22.42 16.69
C ASN A 82 -4.60 21.32 15.70
N VAL A 83 -4.65 21.63 14.39
CA VAL A 83 -4.22 20.68 13.39
C VAL A 83 -2.72 20.30 13.57
N SER A 84 -1.87 21.30 13.81
CA SER A 84 -0.47 21.10 14.06
C SER A 84 -0.20 20.28 15.32
N ARG A 85 -0.94 20.56 16.38
CA ARG A 85 -0.80 19.79 17.59
C ARG A 85 -1.18 18.32 17.40
N HIS A 86 -2.14 18.08 16.53
CA HIS A 86 -2.65 16.77 16.27
C HIS A 86 -1.61 15.90 15.53
N ILE A 87 -0.95 16.48 14.53
CA ILE A 87 0.10 15.74 13.81
C ILE A 87 1.45 15.76 14.57
N ILE A 88 1.64 16.69 15.48
CA ILE A 88 2.83 16.69 16.34
C ILE A 88 2.78 15.57 17.39
N GLY A 89 1.60 15.37 17.99
CA GLY A 89 1.39 14.39 19.04
C GLY A 89 1.68 14.89 20.44
N SER A 90 1.32 14.06 21.42
CA SER A 90 1.48 14.33 22.85
C SER A 90 2.90 14.70 23.15
N THR A 91 3.05 15.49 24.22
CA THR A 91 4.33 15.96 24.75
C THR A 91 5.28 14.82 24.97
N ASN A 92 4.82 13.77 25.64
CA ASN A 92 5.58 12.56 25.81
C ASN A 92 5.52 11.61 24.59
N PRO A 93 6.64 11.45 23.86
CA PRO A 93 6.66 10.66 22.59
C PRO A 93 6.33 9.20 22.78
N SER A 94 6.37 8.74 24.03
CA SER A 94 5.87 7.43 24.41
C SER A 94 4.35 7.33 24.52
N GLU A 95 3.68 8.45 24.68
CA GLU A 95 2.22 8.48 24.70
C GLU A 95 1.66 9.00 23.37
N ALA A 96 2.50 9.73 22.63
CA ALA A 96 2.14 10.29 21.34
C ALA A 96 1.71 9.19 20.36
N SER A 97 0.67 9.46 19.59
CA SER A 97 0.12 8.47 18.69
C SER A 97 1.15 8.04 17.63
N PRO A 98 1.27 6.74 17.38
CA PRO A 98 2.07 6.33 16.25
C PRO A 98 1.57 7.06 15.03
N GLY A 99 2.46 7.47 14.13
CA GLY A 99 2.07 8.26 12.96
C GLY A 99 2.19 9.75 13.17
N SER A 100 2.23 10.22 14.42
CA SER A 100 2.50 11.63 14.70
C SER A 100 4.01 11.85 14.66
N ILE A 101 4.44 13.09 14.53
CA ILE A 101 5.88 13.41 14.47
C ILE A 101 6.62 12.89 15.74
N ARG A 102 6.10 13.19 16.91
CA ARG A 102 6.78 12.77 18.13
C ARG A 102 6.62 11.26 18.34
N GLY A 103 5.47 10.74 17.94
CA GLY A 103 5.20 9.31 18.08
C GLY A 103 6.14 8.46 17.24
N ASP A 104 6.48 8.94 16.06
CA ASP A 104 7.36 8.20 15.18
C ASP A 104 8.80 8.52 15.39
N LEU A 105 9.12 9.74 15.81
CA LEU A 105 10.52 10.18 15.76
C LEU A 105 11.18 10.43 17.08
N GLY A 106 10.44 10.66 18.12
CA GLY A 106 11.10 11.10 19.35
C GLY A 106 11.08 10.00 20.38
N LEU A 107 11.92 10.14 21.40
CA LEU A 107 12.05 9.09 22.43
C LEU A 107 11.70 9.52 23.84
N THR A 108 11.99 10.78 24.18
CA THR A 108 11.81 11.28 25.56
C THR A 108 11.20 12.64 25.49
N VAL A 109 10.50 13.02 26.54
CA VAL A 109 9.80 14.27 26.60
C VAL A 109 10.73 15.48 26.40
N GLY A 110 11.94 15.43 26.96
CA GLY A 110 12.88 16.54 26.85
C GLY A 110 13.44 16.73 25.46
N ARG A 111 13.34 15.67 24.65
CA ARG A 111 13.91 15.66 23.30
C ARG A 111 12.82 15.26 22.31
N ASN A 112 11.85 16.12 22.09
CA ASN A 112 10.65 15.70 21.37
C ASN A 112 10.46 16.43 20.07
N ILE A 113 11.58 16.69 19.37
CA ILE A 113 11.58 16.95 17.95
C ILE A 113 11.10 18.31 17.52
N ILE A 114 9.96 18.76 18.06
CA ILE A 114 9.23 19.89 17.52
C ILE A 114 8.37 20.57 18.55
N HIS A 115 8.23 21.87 18.41
CA HIS A 115 7.31 22.66 19.21
C HIS A 115 6.23 23.24 18.34
N GLY A 116 5.02 23.31 18.91
CA GLY A 116 3.84 23.92 18.28
C GLY A 116 3.13 24.74 19.33
N SER A 117 2.66 25.93 18.96
CA SER A 117 1.92 26.79 19.87
C SER A 117 0.70 26.04 20.38
N ASP A 118 0.42 26.14 21.68
CA ASP A 118 -0.71 25.40 22.28
C ASP A 118 -2.07 26.13 22.23
N SER A 119 -2.09 27.38 21.74
CA SER A 119 -3.33 28.12 21.64
C SER A 119 -3.23 29.26 20.66
N LEU A 120 -4.39 29.76 20.24
CA LEU A 120 -4.46 30.99 19.47
C LEU A 120 -3.68 32.10 20.14
N GLU A 121 -3.83 32.17 21.46
CA GLU A 121 -3.21 33.20 22.24
C GLU A 121 -1.69 33.07 22.05
N SER A 122 -1.10 31.97 22.53
CA SER A 122 0.35 31.77 22.40
C SER A 122 0.90 31.72 20.96
N ALA A 123 0.08 31.34 20.00
CA ALA A 123 0.46 31.43 18.61
C ALA A 123 0.80 32.85 18.25
N GLU A 124 -0.05 33.79 18.66
CA GLU A 124 0.12 35.20 18.28
C GLU A 124 1.33 35.79 18.97
N ARG A 125 1.46 35.44 20.23
CA ARG A 125 2.60 35.84 21.02
C ARG A 125 3.92 35.29 20.44
N GLU A 126 4.00 33.97 20.23
CA GLU A 126 5.19 33.29 19.66
C GLU A 126 5.54 33.79 18.26
N ILE A 127 4.56 33.90 17.38
CA ILE A 127 4.80 34.45 16.05
C ILE A 127 5.46 35.84 16.08
N ASN A 128 4.95 36.73 16.93
CA ASN A 128 5.49 38.08 17.02
C ASN A 128 6.90 38.09 17.63
N LEU A 129 7.12 37.18 18.56
CA LEU A 129 8.41 37.09 19.20
C LEU A 129 9.50 36.64 18.23
N TRP A 130 9.20 35.66 17.39
CA TRP A 130 10.24 35.06 16.56
C TRP A 130 10.36 35.69 15.18
N PHE A 131 9.29 36.33 14.71
CA PHE A 131 9.21 36.83 13.35
C PHE A 131 8.76 38.27 13.32
N ASN A 132 9.32 39.04 12.38
CA ASN A 132 8.74 40.33 12.02
C ASN A 132 7.81 40.09 10.83
N GLU A 133 6.84 40.92 10.69
CA GLU A 133 5.85 40.93 9.61
C GLU A 133 6.50 40.69 8.26
N ASN A 134 7.57 41.35 7.93
CA ASN A 134 8.22 41.30 6.61
C ASN A 134 8.94 39.99 6.29
N GLU A 135 9.15 39.15 7.30
CA GLU A 135 9.69 37.79 7.11
C GLU A 135 8.54 36.80 6.79
N ILE A 136 7.30 37.26 6.96
CA ILE A 136 6.16 36.35 6.78
C ILE A 136 5.44 36.69 5.48
N THR A 137 5.44 35.71 4.58
CA THR A 137 4.91 35.91 3.25
C THR A 137 3.43 35.54 3.24
N SER A 138 2.65 36.10 2.32
CA SER A 138 1.31 35.56 2.04
C SER A 138 1.27 35.22 0.57
N TYR A 139 0.66 34.07 0.26
CA TYR A 139 0.55 33.65 -1.14
C TYR A 139 -0.51 32.60 -1.27
N ALA A 140 -1.27 32.68 -2.35
CA ALA A 140 -2.22 31.66 -2.76
C ALA A 140 -1.48 30.44 -3.32
N SER A 141 -2.03 29.25 -3.09
CA SER A 141 -1.44 28.03 -3.63
C SER A 141 -2.45 27.25 -4.42
N PRO A 142 -2.00 26.58 -5.49
CA PRO A 142 -2.85 25.77 -6.33
C PRO A 142 -3.77 24.82 -5.57
N ARG A 143 -3.30 24.26 -4.46
CA ARG A 143 -4.06 23.25 -3.75
C ARG A 143 -5.10 23.86 -2.81
N ASP A 144 -4.98 25.15 -2.51
CA ASP A 144 -5.94 25.85 -1.62
C ASP A 144 -7.40 25.56 -1.96
N ALA A 145 -7.75 25.58 -3.25
CA ALA A 145 -9.09 25.29 -3.69
C ALA A 145 -9.53 23.84 -3.46
N TRP A 146 -8.58 22.97 -3.15
CA TRP A 146 -8.86 21.53 -2.95
C TRP A 146 -8.74 21.10 -1.48
N LEU A 147 -8.22 22.01 -0.65
CA LEU A 147 -8.19 21.78 0.79
C LEU A 147 -9.47 22.22 1.50
N TYR A 148 -10.09 23.29 0.99
CA TYR A 148 -11.26 23.91 1.61
C TYR A 148 -12.44 24.10 0.66
N GLU A 149 -13.60 24.35 1.29
CA GLU A 149 -14.90 24.42 0.63
C GLU A 149 -15.14 25.75 -0.06
N MET B 1 21.70 0.24 29.92
CA MET B 1 20.46 0.85 29.35
C MET B 1 19.45 -0.24 28.98
N GLU B 2 18.16 0.05 29.16
CA GLU B 2 17.11 -0.95 28.98
C GLU B 2 17.14 -1.57 27.57
N ARG B 3 16.86 -2.87 27.50
CA ARG B 3 16.90 -3.62 26.28
C ARG B 3 15.63 -4.43 26.13
N THR B 4 15.21 -4.69 24.90
CA THR B 4 14.08 -5.55 24.68
C THR B 4 14.37 -6.48 23.51
N PHE B 5 13.66 -7.61 23.45
CA PHE B 5 13.77 -8.50 22.31
C PHE B 5 12.64 -8.25 21.28
N LEU B 6 13.03 -8.07 20.01
CA LEU B 6 12.06 -7.85 18.93
C LEU B 6 12.33 -8.93 17.89
N MET B 7 11.28 -9.35 17.22
CA MET B 7 11.37 -10.34 16.19
C MET B 7 10.44 -10.06 15.00
N ILE B 8 11.06 -9.85 13.84
CA ILE B 8 10.32 -9.71 12.62
C ILE B 8 9.87 -11.08 12.14
N LYS B 9 8.56 -11.25 12.08
CA LYS B 9 7.96 -12.59 11.86
C LYS B 9 8.04 -13.04 10.41
N PRO B 10 7.82 -14.34 10.14
CA PRO B 10 7.92 -14.83 8.76
C PRO B 10 7.03 -14.12 7.77
N ASP B 11 5.89 -13.62 8.21
CA ASP B 11 4.98 -12.92 7.28
C ASP B 11 5.68 -11.65 6.72
N ALA B 12 6.30 -10.90 7.62
CA ALA B 12 7.03 -9.72 7.19
C ALA B 12 8.21 -10.04 6.29
N VAL B 13 8.93 -11.09 6.66
CA VAL B 13 10.05 -11.58 5.87
C VAL B 13 9.63 -12.01 4.47
N GLN B 14 8.51 -12.74 4.38
CA GLN B 14 8.02 -13.22 3.09
C GLN B 14 7.31 -12.13 2.33
N ARG B 15 6.95 -11.04 3.01
CA ARG B 15 6.36 -9.88 2.30
C ARG B 15 7.40 -8.85 1.89
N ASN B 16 8.67 -9.14 2.20
CA ASN B 16 9.76 -8.26 1.86
C ASN B 16 9.67 -6.92 2.64
N LEU B 17 9.42 -6.99 3.94
CA LEU B 17 9.19 -5.76 4.75
C LEU B 17 10.32 -5.56 5.76
N ILE B 18 11.39 -6.32 5.60
CA ILE B 18 12.39 -6.31 6.66
C ILE B 18 12.94 -4.93 6.85
N GLY B 19 13.37 -4.32 5.76
CA GLY B 19 13.85 -2.95 5.74
C GLY B 19 12.88 -1.95 6.31
N GLU B 20 11.65 -1.99 5.83
CA GLU B 20 10.61 -1.08 6.27
C GLU B 20 10.47 -1.14 7.81
N VAL B 21 10.39 -2.35 8.34
CA VAL B 21 10.21 -2.51 9.76
C VAL B 21 11.39 -2.00 10.59
N ILE B 22 12.60 -2.31 10.15
CA ILE B 22 13.80 -1.82 10.79
C ILE B 22 13.87 -0.29 10.76
N SER B 23 13.50 0.33 9.65
CA SER B 23 13.50 1.80 9.56
C SER B 23 12.61 2.42 10.61
N ARG B 24 11.49 1.78 10.92
CA ARG B 24 10.54 2.35 11.86
C ARG B 24 11.10 2.24 13.25
N ILE B 25 11.77 1.14 13.56
CA ILE B 25 12.42 0.99 14.86
C ILE B 25 13.58 1.96 15.00
N GLU B 26 14.45 2.03 13.98
CA GLU B 26 15.58 2.97 13.96
C GLU B 26 15.18 4.43 14.14
N ARG B 27 14.20 4.88 13.38
CA ARG B 27 13.90 6.31 13.31
C ARG B 27 13.26 6.83 14.63
N LYS B 28 12.71 5.89 15.41
CA LYS B 28 12.19 6.17 16.72
C LYS B 28 13.29 6.51 17.75
N GLY B 29 14.53 6.07 17.47
CA GLY B 29 15.65 6.38 18.35
C GLY B 29 16.20 5.15 19.06
N LEU B 30 15.56 4.02 18.88
CA LEU B 30 15.99 2.79 19.50
C LEU B 30 17.24 2.32 18.80
N LYS B 31 18.17 1.74 19.55
CA LYS B 31 19.46 1.33 19.02
C LYS B 31 19.48 -0.16 18.73
N LEU B 32 19.72 -0.51 17.48
CA LEU B 32 19.93 -1.94 17.13
C LEU B 32 21.25 -2.47 17.70
N VAL B 33 21.15 -3.45 18.58
CA VAL B 33 22.34 -3.90 19.34
C VAL B 33 22.61 -5.37 19.12
N GLY B 34 21.58 -6.10 18.78
CA GLY B 34 21.77 -7.48 18.34
C GLY B 34 20.81 -7.66 17.19
N GLY B 35 21.19 -8.46 16.20
CA GLY B 35 20.28 -8.76 15.10
C GLY B 35 20.80 -9.89 14.21
N LYS B 36 19.93 -10.82 13.88
CA LYS B 36 20.30 -11.92 13.02
C LYS B 36 19.11 -12.54 12.30
N LEU B 37 19.31 -12.85 11.04
CA LEU B 37 18.32 -13.59 10.27
C LEU B 37 18.52 -15.09 10.52
N MET B 38 17.47 -15.78 10.94
CA MET B 38 17.60 -17.20 11.33
C MET B 38 16.31 -17.95 11.07
N GLN B 39 16.47 -19.21 10.70
CA GLN B 39 15.41 -20.19 10.75
C GLN B 39 15.18 -20.48 12.24
N VAL B 40 13.93 -20.50 12.66
CA VAL B 40 13.61 -20.88 14.07
C VAL B 40 13.52 -22.44 14.28
N PRO B 41 14.42 -23.01 15.11
CA PRO B 41 14.24 -24.43 15.46
C PRO B 41 12.94 -24.59 16.31
N MET B 42 12.20 -25.68 16.10
CA MET B 42 10.88 -25.87 16.75
C MET B 42 10.84 -25.68 18.28
N GLU B 43 11.93 -26.12 18.92
CA GLU B 43 12.03 -26.10 20.38
C GLU B 43 12.10 -24.69 20.92
N LEU B 44 12.98 -23.87 20.37
CA LEU B 44 13.06 -22.44 20.71
C LEU B 44 11.70 -21.80 20.46
N ALA B 45 11.05 -22.22 19.39
CA ALA B 45 9.69 -21.75 19.13
C ALA B 45 8.76 -22.13 20.27
N GLU B 46 8.79 -23.42 20.68
CA GLU B 46 7.94 -23.95 21.75
C GLU B 46 8.27 -23.27 23.08
N THR B 47 9.55 -23.24 23.45
CA THR B 47 9.93 -22.57 24.70
C THR B 47 9.66 -21.04 24.67
N HIS B 48 9.89 -20.39 23.53
CA HIS B 48 9.54 -18.98 23.37
C HIS B 48 8.05 -18.65 23.54
N TYR B 49 7.19 -19.41 22.91
CA TYR B 49 5.77 -19.21 23.15
C TYR B 49 5.12 -20.03 24.28
N GLY B 50 5.93 -20.52 25.23
CA GLY B 50 5.49 -21.36 26.34
C GLY B 50 4.12 -21.03 26.92
N GLU B 51 3.83 -19.75 27.16
CA GLU B 51 2.56 -19.35 27.85
C GLU B 51 1.20 -19.43 27.10
N HIS B 52 1.27 -19.58 25.79
CA HIS B 52 0.10 -19.70 24.96
C HIS B 52 -0.24 -21.16 24.72
N GLN B 53 0.54 -22.07 25.31
CA GLN B 53 0.48 -23.56 25.10
C GLN B 53 -0.90 -24.16 24.98
N GLY B 54 -1.70 -24.00 25.99
CA GLY B 54 -2.99 -24.64 25.95
C GLY B 54 -3.90 -24.16 24.81
N LYS B 55 -3.75 -22.89 24.38
CA LYS B 55 -4.76 -22.10 23.63
C LYS B 55 -5.12 -22.34 22.10
N PRO B 56 -6.31 -21.87 21.68
CA PRO B 56 -6.80 -22.10 20.30
C PRO B 56 -5.82 -21.69 19.20
N PHE B 57 -5.11 -20.60 19.41
CA PHE B 57 -4.11 -20.20 18.44
C PHE B 57 -2.68 -20.90 18.50
N TYR B 58 -2.40 -21.89 19.41
CA TYR B 58 -1.04 -22.51 19.62
C TYR B 58 -0.40 -23.22 18.44
N ASN B 59 -0.94 -24.35 18.00
CA ASN B 59 -0.31 -25.16 16.96
C ASN B 59 -0.03 -24.31 15.72
N ASP B 60 -0.95 -23.38 15.46
CA ASP B 60 -0.91 -22.36 14.37
C ASP B 60 0.20 -21.31 14.47
N LEU B 61 0.35 -20.75 15.65
CA LEU B 61 1.51 -19.96 16.00
C LEU B 61 2.89 -20.72 15.85
N ILE B 62 3.05 -21.99 16.30
CA ILE B 62 4.32 -22.77 16.16
C ILE B 62 4.64 -23.09 14.70
N SER B 63 3.60 -23.49 13.95
CA SER B 63 3.80 -23.84 12.53
C SER B 63 4.30 -22.58 11.82
N PHE B 64 3.58 -21.51 12.03
CA PHE B 64 3.86 -20.27 11.40
C PHE B 64 5.26 -19.69 11.68
N ILE B 65 5.62 -19.65 12.98
CA ILE B 65 6.90 -19.11 13.38
C ILE B 65 8.10 -19.95 12.89
N THR B 66 7.85 -21.22 12.53
CA THR B 66 8.86 -22.14 11.99
C THR B 66 8.82 -22.27 10.49
N SER B 67 7.88 -21.58 9.84
CA SER B 67 7.64 -21.76 8.40
C SER B 67 8.61 -21.04 7.45
N ALA B 68 9.27 -20.00 7.92
CA ALA B 68 10.25 -19.25 7.13
C ALA B 68 11.12 -18.52 8.12
N PRO B 69 12.21 -17.91 7.66
CA PRO B 69 13.11 -17.29 8.63
C PRO B 69 12.51 -16.06 9.31
N VAL B 70 13.06 -15.71 10.46
CA VAL B 70 12.69 -14.52 11.15
C VAL B 70 13.90 -13.62 11.25
N PHE B 71 13.68 -12.36 11.59
CA PHE B 71 14.79 -11.49 11.96
C PHE B 71 14.67 -11.14 13.44
N ALA B 72 15.56 -11.70 14.23
CA ALA B 72 15.53 -11.58 15.65
C ALA B 72 16.41 -10.40 16.05
N MET B 73 15.92 -9.55 16.94
CA MET B 73 16.66 -8.31 17.31
C MET B 73 16.77 -8.06 18.81
N VAL B 74 17.87 -7.48 19.22
CA VAL B 74 17.93 -6.90 20.54
C VAL B 74 18.06 -5.42 20.29
N VAL B 75 17.30 -4.64 21.07
CA VAL B 75 17.14 -3.23 20.85
C VAL B 75 17.28 -2.51 22.17
N GLU B 76 17.99 -1.38 22.16
CA GLU B 76 18.35 -0.71 23.39
C GLU B 76 17.84 0.72 23.40
N GLY B 77 17.40 1.18 24.55
CA GLY B 77 16.95 2.55 24.69
C GLY B 77 16.24 2.76 26.02
N GLU B 78 16.17 4.01 26.46
CA GLU B 78 15.42 4.33 27.65
C GLU B 78 13.97 3.91 27.40
N ASP B 79 13.46 3.11 28.32
CA ASP B 79 12.08 2.66 28.28
C ASP B 79 11.80 1.80 27.01
N ALA B 80 12.83 1.09 26.57
CA ALA B 80 12.77 0.33 25.33
C ALA B 80 11.58 -0.63 25.20
N VAL B 81 11.22 -1.33 26.28
CA VAL B 81 10.18 -2.34 26.25
C VAL B 81 8.86 -1.70 25.89
N ASN B 82 8.48 -0.66 26.61
CA ASN B 82 7.24 0.02 26.32
C ASN B 82 7.27 0.89 25.07
N VAL B 83 8.44 1.45 24.73
CA VAL B 83 8.53 2.26 23.56
C VAL B 83 8.32 1.41 22.31
N SER B 84 8.92 0.21 22.27
CA SER B 84 8.73 -0.69 21.16
C SER B 84 7.29 -1.20 21.06
N ARG B 85 6.66 -1.46 22.19
CA ARG B 85 5.26 -1.86 22.19
C ARG B 85 4.30 -0.81 21.68
N HIS B 86 4.61 0.44 21.98
CA HIS B 86 3.90 1.60 21.48
C HIS B 86 4.01 1.69 19.95
N ILE B 87 5.22 1.63 19.38
CA ILE B 87 5.32 1.79 17.91
C ILE B 87 4.87 0.51 17.18
N ILE B 88 4.94 -0.63 17.88
CA ILE B 88 4.45 -1.88 17.31
C ILE B 88 2.93 -1.94 17.15
N GLY B 89 2.23 -1.45 18.18
CA GLY B 89 0.77 -1.41 18.20
C GLY B 89 0.09 -2.63 18.77
N SER B 90 -1.20 -2.52 18.99
CA SER B 90 -2.01 -3.58 19.56
C SER B 90 -1.84 -4.91 18.79
N THR B 91 -2.10 -6.01 19.49
CA THR B 91 -2.00 -7.35 18.96
C THR B 91 -2.80 -7.51 17.69
N ASN B 92 -4.05 -6.99 17.73
CA ASN B 92 -4.93 -7.01 16.57
C ASN B 92 -4.68 -5.79 15.70
N PRO B 93 -4.13 -6.01 14.51
CA PRO B 93 -3.83 -4.93 13.57
C PRO B 93 -5.02 -4.09 13.17
N SER B 94 -6.25 -4.56 13.42
CA SER B 94 -7.46 -3.71 13.22
C SER B 94 -7.77 -2.77 14.41
N GLU B 95 -7.11 -3.00 15.53
CA GLU B 95 -7.27 -2.12 16.67
C GLU B 95 -6.02 -1.28 16.87
N ALA B 96 -4.87 -1.78 16.38
CA ALA B 96 -3.62 -1.07 16.43
C ALA B 96 -3.70 0.29 15.70
N SER B 97 -3.09 1.29 16.32
CA SER B 97 -3.16 2.65 15.85
C SER B 97 -2.59 2.74 14.44
N PRO B 98 -3.23 3.51 13.55
CA PRO B 98 -2.58 3.83 12.27
C PRO B 98 -1.27 4.47 12.59
N GLY B 99 -0.26 4.20 11.77
CA GLY B 99 1.06 4.73 12.00
C GLY B 99 1.91 3.73 12.75
N SER B 100 1.31 2.75 13.41
CA SER B 100 2.10 1.74 14.10
C SER B 100 2.44 0.64 13.10
N ILE B 101 3.40 -0.18 13.46
CA ILE B 101 3.83 -1.22 12.56
C ILE B 101 2.66 -2.14 12.22
N ARG B 102 1.95 -2.61 13.21
CA ARG B 102 0.89 -3.54 12.92
C ARG B 102 -0.29 -2.84 12.35
N GLY B 103 -0.50 -1.58 12.73
CA GLY B 103 -1.58 -0.77 12.20
C GLY B 103 -1.43 -0.50 10.71
N ASP B 104 -0.21 -0.26 10.26
CA ASP B 104 -0.03 0.12 8.86
C ASP B 104 0.20 -1.12 8.01
N LEU B 105 0.83 -2.14 8.57
CA LEU B 105 1.30 -3.26 7.73
C LEU B 105 0.66 -4.61 7.95
N GLY B 106 -0.05 -4.81 9.06
CA GLY B 106 -0.64 -6.15 9.30
C GLY B 106 -2.13 -6.17 9.04
N LEU B 107 -2.67 -7.35 8.78
CA LEU B 107 -4.14 -7.55 8.56
C LEU B 107 -4.88 -8.36 9.59
N THR B 108 -4.27 -9.42 10.08
CA THR B 108 -4.94 -10.31 11.03
C THR B 108 -4.05 -10.54 12.22
N VAL B 109 -4.64 -10.94 13.35
CA VAL B 109 -3.93 -11.06 14.61
C VAL B 109 -2.85 -12.13 14.50
N GLY B 110 -3.12 -13.20 13.74
CA GLY B 110 -2.21 -14.36 13.60
C GLY B 110 -0.98 -14.04 12.75
N ARG B 111 -1.10 -12.98 11.94
CA ARG B 111 -0.06 -12.56 10.98
C ARG B 111 0.18 -11.11 11.20
N ASN B 112 0.80 -10.78 12.33
CA ASN B 112 0.94 -9.36 12.72
C ASN B 112 2.42 -8.86 12.72
N ILE B 113 3.18 -9.25 11.69
CA ILE B 113 4.45 -8.57 11.37
C ILE B 113 5.61 -8.75 12.36
N ILE B 114 5.37 -8.56 13.64
CA ILE B 114 6.48 -8.36 14.58
C ILE B 114 6.09 -8.70 15.97
N HIS B 115 7.05 -9.22 16.72
CA HIS B 115 6.86 -9.47 18.14
C HIS B 115 7.79 -8.57 18.89
N GLY B 116 7.33 -8.06 20.06
CA GLY B 116 8.10 -7.38 21.06
C GLY B 116 7.79 -7.93 22.45
N SER B 117 8.81 -8.00 23.30
CA SER B 117 8.65 -8.46 24.67
C SER B 117 7.62 -7.59 25.38
N ASP B 118 6.75 -8.20 26.20
CA ASP B 118 5.70 -7.45 26.84
C ASP B 118 6.07 -6.87 28.22
N SER B 119 7.26 -7.23 28.71
CA SER B 119 7.71 -6.73 30.02
C SER B 119 9.22 -6.81 30.18
N LEU B 120 9.72 -6.15 31.21
CA LEU B 120 11.13 -6.29 31.59
C LEU B 120 11.55 -7.75 31.83
N GLU B 121 10.68 -8.57 32.47
CA GLU B 121 11.04 -9.94 32.79
C GLU B 121 11.06 -10.81 31.53
N SER B 122 10.04 -10.64 30.67
CA SER B 122 10.05 -11.39 29.43
C SER B 122 11.14 -10.91 28.49
N ALA B 123 11.53 -9.64 28.61
CA ALA B 123 12.63 -9.10 27.82
C ALA B 123 13.94 -9.84 28.14
N GLU B 124 14.32 -9.88 29.41
CA GLU B 124 15.51 -10.60 29.84
C GLU B 124 15.42 -12.08 29.50
N ARG B 125 14.27 -12.69 29.71
CA ARG B 125 14.08 -14.09 29.35
C ARG B 125 14.25 -14.32 27.82
N GLU B 126 13.52 -13.55 27.01
CA GLU B 126 13.57 -13.69 25.55
C GLU B 126 14.96 -13.37 24.98
N ILE B 127 15.61 -12.34 25.50
CA ILE B 127 16.96 -12.04 25.03
C ILE B 127 17.95 -13.20 25.31
N ASN B 128 17.91 -13.76 26.52
CA ASN B 128 18.78 -14.87 26.86
C ASN B 128 18.48 -16.13 26.09
N LEU B 129 17.22 -16.32 25.77
CA LEU B 129 16.81 -17.47 24.97
C LEU B 129 17.33 -17.38 23.51
N TRP B 130 17.20 -16.22 22.91
CA TRP B 130 17.55 -16.10 21.49
C TRP B 130 18.99 -15.72 21.20
N PHE B 131 19.65 -15.11 22.18
CA PHE B 131 20.98 -14.55 21.95
C PHE B 131 21.94 -14.95 23.05
N ASN B 132 23.20 -15.16 22.68
CA ASN B 132 24.28 -15.23 23.66
C ASN B 132 24.89 -13.84 23.76
N GLU B 133 25.51 -13.51 24.86
CA GLU B 133 26.10 -12.21 25.15
C GLU B 133 27.14 -11.83 24.10
N ASN B 134 27.81 -12.75 23.48
CA ASN B 134 28.81 -12.40 22.47
C ASN B 134 28.21 -11.95 21.13
N GLU B 135 26.92 -12.19 20.94
CA GLU B 135 26.23 -11.75 19.72
C GLU B 135 25.66 -10.33 19.92
N ILE B 136 25.69 -9.85 21.15
CA ILE B 136 25.10 -8.58 21.50
C ILE B 136 26.18 -7.54 21.73
N THR B 137 26.17 -6.52 20.88
CA THR B 137 27.22 -5.53 20.84
C THR B 137 26.83 -4.38 21.72
N SER B 138 27.76 -3.58 22.15
CA SER B 138 27.40 -2.41 22.89
C SER B 138 28.27 -1.32 22.27
N TYR B 139 27.69 -0.15 21.96
CA TYR B 139 28.38 0.92 21.27
C TYR B 139 27.67 2.24 21.48
N ALA B 140 28.46 3.29 21.62
CA ALA B 140 27.96 4.66 21.62
C ALA B 140 27.58 5.07 20.19
N SER B 141 26.56 5.90 20.08
CA SER B 141 26.14 6.47 18.78
C SER B 141 26.10 8.00 18.84
N PRO B 142 26.42 8.64 17.71
CA PRO B 142 26.46 10.07 17.63
C PRO B 142 25.15 10.73 18.11
N ARG B 143 24.01 10.07 17.85
CA ARG B 143 22.74 10.66 18.16
C ARG B 143 22.32 10.53 19.63
N ASP B 144 23.03 9.68 20.37
CA ASP B 144 22.72 9.40 21.76
C ASP B 144 22.57 10.68 22.58
N ALA B 145 23.47 11.62 22.36
CA ALA B 145 23.50 12.89 23.09
C ALA B 145 22.29 13.79 22.73
N TRP B 146 21.59 13.45 21.65
CA TRP B 146 20.46 14.24 21.17
C TRP B 146 19.11 13.55 21.41
N LEU B 147 19.17 12.30 21.86
CA LEU B 147 17.97 11.57 22.22
C LEU B 147 17.63 11.74 23.70
N TYR B 148 18.67 11.92 24.54
CA TYR B 148 18.52 11.99 26.00
C TYR B 148 19.12 13.24 26.59
N GLU B 149 18.62 13.59 27.78
CA GLU B 149 19.18 14.62 28.66
C GLU B 149 20.55 14.24 29.20
N MET C 1 21.48 -20.83 -6.69
CA MET C 1 21.35 -19.46 -7.23
C MET C 1 22.49 -18.57 -6.71
N GLU C 2 22.95 -17.66 -7.58
CA GLU C 2 24.08 -16.78 -7.28
C GLU C 2 23.91 -15.97 -5.98
N ARG C 3 25.00 -15.90 -5.24
CA ARG C 3 25.01 -15.19 -3.98
C ARG C 3 26.13 -14.16 -3.96
N THR C 4 25.92 -13.07 -3.21
CA THR C 4 27.01 -12.16 -2.96
C THR C 4 27.10 -11.79 -1.48
N PHE C 5 28.26 -11.29 -1.06
CA PHE C 5 28.38 -10.74 0.28
C PHE C 5 28.23 -9.20 0.29
N LEU C 6 27.34 -8.72 1.15
CA LEU C 6 27.12 -7.30 1.38
C LEU C 6 27.37 -6.93 2.83
N MET C 7 27.90 -5.75 3.05
CA MET C 7 28.13 -5.27 4.40
C MET C 7 27.80 -3.78 4.54
N ILE C 8 26.90 -3.49 5.47
CA ILE C 8 26.54 -2.12 5.77
C ILE C 8 27.62 -1.61 6.72
N LYS C 9 28.33 -0.57 6.30
CA LYS C 9 29.50 -0.15 7.05
C LYS C 9 29.16 0.69 8.30
N PRO C 10 30.15 0.93 9.18
CA PRO C 10 29.91 1.69 10.43
C PRO C 10 29.35 3.06 10.23
N ASP C 11 29.68 3.72 9.12
CA ASP C 11 29.10 5.04 8.85
C ASP C 11 27.60 4.96 8.69
N ALA C 12 27.13 3.94 7.98
CA ALA C 12 25.70 3.80 7.75
C ALA C 12 24.99 3.43 9.04
N VAL C 13 25.61 2.55 9.83
CA VAL C 13 25.07 2.12 11.11
C VAL C 13 25.00 3.34 12.03
N GLN C 14 26.09 4.11 12.08
CA GLN C 14 26.12 5.28 12.99
C GLN C 14 25.27 6.45 12.53
N ARG C 15 24.82 6.40 11.28
CA ARG C 15 23.89 7.41 10.73
C ARG C 15 22.46 6.92 10.70
N ASN C 16 22.23 5.74 11.27
CA ASN C 16 20.91 5.19 11.45
C ASN C 16 20.24 4.86 10.09
N LEU C 17 21.04 4.31 9.18
CA LEU C 17 20.58 4.05 7.81
C LEU C 17 20.40 2.55 7.54
N ILE C 18 20.43 1.71 8.56
CA ILE C 18 20.35 0.29 8.35
C ILE C 18 19.10 -0.09 7.57
N GLY C 19 17.95 0.36 8.06
CA GLY C 19 16.68 0.08 7.45
C GLY C 19 16.57 0.54 6.01
N GLU C 20 16.89 1.81 5.79
CA GLU C 20 16.87 2.41 4.49
C GLU C 20 17.73 1.60 3.54
N VAL C 21 18.91 1.13 3.96
CA VAL C 21 19.77 0.42 3.01
C VAL C 21 19.24 -0.96 2.68
N ILE C 22 18.73 -1.66 3.67
CA ILE C 22 18.11 -2.95 3.46
C ILE C 22 16.87 -2.82 2.57
N SER C 23 16.06 -1.77 2.77
CA SER C 23 14.93 -1.53 1.88
C SER C 23 15.31 -1.46 0.41
N ARG C 24 16.41 -0.76 0.10
CA ARG C 24 16.88 -0.66 -1.27
C ARG C 24 17.29 -2.01 -1.85
N ILE C 25 17.94 -2.84 -1.05
CA ILE C 25 18.36 -4.14 -1.52
C ILE C 25 17.15 -5.01 -1.72
N GLU C 26 16.22 -4.96 -0.76
CA GLU C 26 15.02 -5.80 -0.79
C GLU C 26 14.14 -5.47 -1.98
N ARG C 27 13.92 -4.19 -2.24
CA ARG C 27 12.94 -3.79 -3.24
C ARG C 27 13.41 -4.11 -4.67
N LYS C 28 14.73 -4.28 -4.82
CA LYS C 28 15.33 -4.63 -6.05
C LYS C 28 15.05 -6.08 -6.46
N GLY C 29 14.66 -6.92 -5.50
CA GLY C 29 14.36 -8.31 -5.80
C GLY C 29 15.36 -9.30 -5.21
N LEU C 30 16.47 -8.81 -4.71
CA LEU C 30 17.48 -9.64 -4.08
C LEU C 30 16.94 -10.25 -2.79
N LYS C 31 17.24 -11.51 -2.55
CA LYS C 31 16.77 -12.22 -1.36
C LYS C 31 17.79 -12.23 -0.20
N LEU C 32 17.41 -11.65 0.93
CA LEU C 32 18.23 -11.71 2.12
C LEU C 32 18.22 -13.13 2.69
N VAL C 33 19.42 -13.70 2.77
CA VAL C 33 19.55 -15.10 3.05
C VAL C 33 20.46 -15.34 4.27
N GLY C 34 21.38 -14.43 4.48
CA GLY C 34 22.19 -14.41 5.71
C GLY C 34 22.25 -12.97 6.12
N GLY C 35 22.10 -12.69 7.42
CA GLY C 35 22.24 -11.32 7.93
C GLY C 35 22.51 -11.25 9.43
N LYS C 36 23.48 -10.44 9.84
CA LYS C 36 23.83 -10.35 11.27
C LYS C 36 24.53 -9.03 11.60
N LEU C 37 24.15 -8.43 12.70
CA LEU C 37 24.84 -7.26 13.24
C LEU C 37 25.98 -7.74 14.07
N MET C 38 27.19 -7.27 13.78
CA MET C 38 28.37 -7.73 14.48
C MET C 38 29.49 -6.68 14.61
N GLN C 39 30.19 -6.75 15.72
CA GLN C 39 31.44 -6.03 15.92
C GLN C 39 32.50 -6.77 15.12
N VAL C 40 33.25 -6.06 14.30
CA VAL C 40 34.27 -6.74 13.49
C VAL C 40 35.55 -6.95 14.31
N PRO C 41 35.94 -8.22 14.55
CA PRO C 41 37.28 -8.44 15.15
C PRO C 41 38.44 -8.04 14.27
N MET C 42 39.52 -7.73 14.96
CA MET C 42 40.83 -7.48 14.33
C MET C 42 41.21 -8.43 13.21
N GLU C 43 41.29 -9.74 13.53
CA GLU C 43 41.70 -10.81 12.59
C GLU C 43 40.96 -10.69 11.27
N LEU C 44 39.63 -10.65 11.38
CA LEU C 44 38.72 -10.64 10.26
C LEU C 44 38.83 -9.42 9.37
N ALA C 45 38.96 -8.23 9.96
CA ALA C 45 39.11 -7.00 9.16
C ALA C 45 40.34 -7.08 8.24
N GLU C 46 41.46 -7.49 8.81
CA GLU C 46 42.74 -7.56 8.08
C GLU C 46 42.75 -8.59 6.95
N THR C 47 42.23 -9.79 7.23
CA THR C 47 42.06 -10.75 6.16
C THR C 47 41.01 -10.35 5.10
N HIS C 48 39.89 -9.75 5.52
CA HIS C 48 38.92 -9.22 4.55
C HIS C 48 39.54 -8.15 3.63
N TYR C 49 40.30 -7.22 4.21
CA TYR C 49 41.01 -6.17 3.48
C TYR C 49 42.48 -6.54 3.20
N GLY C 50 42.67 -7.76 2.71
CA GLY C 50 44.00 -8.29 2.43
C GLY C 50 44.72 -7.61 1.29
N GLU C 51 44.05 -7.42 0.16
CA GLU C 51 44.68 -6.86 -1.03
C GLU C 51 45.33 -5.48 -0.81
N HIS C 52 44.99 -4.84 0.31
CA HIS C 52 45.34 -3.44 0.58
C HIS C 52 46.46 -3.25 1.58
N GLN C 53 46.94 -4.30 2.20
CA GLN C 53 47.99 -4.20 3.21
C GLN C 53 49.20 -3.42 2.69
N GLY C 54 49.17 -2.82 1.53
CA GLY C 54 50.23 -1.90 1.10
C GLY C 54 49.82 -0.44 1.17
N LYS C 55 48.60 -0.16 0.76
CA LYS C 55 48.28 1.21 0.41
C LYS C 55 48.33 2.16 1.65
N PRO C 56 48.62 3.43 1.42
CA PRO C 56 48.72 4.42 2.51
C PRO C 56 47.46 4.42 3.37
N PHE C 57 46.29 4.42 2.73
CA PHE C 57 44.97 4.49 3.39
C PHE C 57 44.65 3.31 4.30
N TYR C 58 45.20 2.16 3.96
CA TYR C 58 44.91 0.93 4.62
C TYR C 58 44.62 1.01 6.13
N ASN C 59 45.53 1.61 6.88
CA ASN C 59 45.37 1.71 8.33
C ASN C 59 44.05 2.33 8.79
N ASP C 60 43.62 3.37 8.10
CA ASP C 60 42.46 4.08 8.53
C ASP C 60 41.21 3.34 8.02
N LEU C 61 41.43 2.33 7.19
CA LEU C 61 40.34 1.52 6.69
C LEU C 61 40.08 0.47 7.75
N ILE C 62 41.15 -0.06 8.34
CA ILE C 62 41.02 -1.06 9.40
C ILE C 62 40.44 -0.48 10.69
N SER C 63 40.93 0.69 11.10
CA SER C 63 40.35 1.41 12.24
C SER C 63 38.85 1.74 12.05
N PHE C 64 38.50 2.22 10.86
CA PHE C 64 37.13 2.53 10.51
C PHE C 64 36.19 1.31 10.57
N ILE C 65 36.58 0.20 9.92
CA ILE C 65 35.71 -0.97 9.87
C ILE C 65 35.61 -1.70 11.23
N THR C 66 36.49 -1.32 12.17
CA THR C 66 36.43 -1.84 13.55
C THR C 66 35.84 -0.85 14.56
N SER C 67 35.46 0.35 14.11
CA SER C 67 35.11 1.44 15.01
C SER C 67 33.68 1.40 15.52
N ALA C 68 32.79 0.70 14.79
CA ALA C 68 31.43 0.43 15.27
C ALA C 68 30.92 -0.81 14.56
N PRO C 69 29.73 -1.31 14.94
CA PRO C 69 29.34 -2.58 14.34
C PRO C 69 28.96 -2.41 12.87
N VAL C 70 28.93 -3.54 12.15
CA VAL C 70 28.49 -3.57 10.78
C VAL C 70 27.32 -4.50 10.66
N PHE C 71 26.64 -4.44 9.51
CA PHE C 71 25.58 -5.40 9.25
C PHE C 71 25.98 -6.24 8.06
N ALA C 72 26.33 -7.48 8.31
CA ALA C 72 26.93 -8.34 7.31
C ALA C 72 25.82 -9.18 6.71
N MET C 73 25.76 -9.24 5.39
CA MET C 73 24.66 -9.87 4.70
C MET C 73 25.08 -10.84 3.63
N VAL C 74 24.28 -11.88 3.45
CA VAL C 74 24.39 -12.72 2.28
C VAL C 74 23.10 -12.59 1.52
N VAL C 75 23.22 -12.36 0.23
CA VAL C 75 22.12 -11.96 -0.59
C VAL C 75 22.08 -12.81 -1.83
N GLU C 76 20.88 -13.23 -2.21
CA GLU C 76 20.76 -14.22 -3.30
C GLU C 76 19.85 -13.75 -4.41
N GLY C 77 20.29 -14.01 -5.64
CA GLY C 77 19.50 -13.71 -6.83
C GLY C 77 20.28 -13.90 -8.12
N GLU C 78 19.55 -13.99 -9.22
CA GLU C 78 20.18 -14.09 -10.51
C GLU C 78 21.09 -12.88 -10.72
N ASP C 79 22.36 -13.14 -11.03
CA ASP C 79 23.35 -12.09 -11.32
C ASP C 79 23.56 -11.16 -10.08
N ALA C 80 23.32 -11.71 -8.89
CA ALA C 80 23.39 -10.96 -7.62
C ALA C 80 24.64 -10.10 -7.47
N VAL C 81 25.80 -10.61 -7.87
CA VAL C 81 27.06 -9.85 -7.68
C VAL C 81 26.98 -8.53 -8.40
N ASN C 82 26.73 -8.57 -9.70
CA ASN C 82 26.64 -7.37 -10.49
C ASN C 82 25.39 -6.52 -10.24
N VAL C 83 24.26 -7.16 -9.95
CA VAL C 83 23.04 -6.40 -9.63
C VAL C 83 23.25 -5.56 -8.36
N SER C 84 23.87 -6.15 -7.33
CA SER C 84 24.22 -5.42 -6.10
C SER C 84 25.12 -4.23 -6.35
N ARG C 85 26.14 -4.40 -7.20
CA ARG C 85 27.11 -3.34 -7.44
C ARG C 85 26.44 -2.18 -8.17
N HIS C 86 25.46 -2.53 -9.02
CA HIS C 86 24.71 -1.60 -9.80
C HIS C 86 23.92 -0.70 -8.87
N ILE C 87 23.16 -1.26 -7.93
CA ILE C 87 22.37 -0.41 -7.04
C ILE C 87 23.23 0.28 -5.96
N ILE C 88 24.40 -0.28 -5.67
CA ILE C 88 25.30 0.30 -4.68
C ILE C 88 25.90 1.58 -5.25
N GLY C 89 26.34 1.50 -6.50
CA GLY C 89 26.97 2.64 -7.17
C GLY C 89 28.49 2.66 -7.07
N SER C 90 29.08 3.51 -7.89
CA SER C 90 30.53 3.73 -7.90
C SER C 90 31.14 3.91 -6.51
N THR C 91 32.42 3.52 -6.38
CA THR C 91 33.19 3.67 -5.14
C THR C 91 33.15 5.09 -4.60
N ASN C 92 33.28 6.07 -5.48
CA ASN C 92 33.24 7.47 -5.09
C ASN C 92 31.79 7.98 -5.18
N PRO C 93 31.17 8.25 -4.01
CA PRO C 93 29.78 8.66 -3.98
C PRO C 93 29.43 9.93 -4.80
N SER C 94 30.41 10.67 -5.33
CA SER C 94 30.16 11.85 -6.20
C SER C 94 30.10 11.41 -7.69
N GLU C 95 30.65 10.24 -7.96
CA GLU C 95 30.54 9.68 -9.28
C GLU C 95 29.33 8.73 -9.34
N ALA C 96 28.94 8.17 -8.19
CA ALA C 96 27.87 7.20 -8.14
C ALA C 96 26.59 7.83 -8.65
N SER C 97 25.83 7.02 -9.37
CA SER C 97 24.61 7.51 -9.95
C SER C 97 23.58 7.94 -8.89
N PRO C 98 22.95 9.10 -9.11
CA PRO C 98 21.85 9.40 -8.23
C PRO C 98 20.85 8.24 -8.29
N GLY C 99 20.16 7.94 -7.19
CA GLY C 99 19.32 6.75 -7.13
C GLY C 99 20.03 5.52 -6.57
N SER C 100 21.37 5.47 -6.63
CA SER C 100 22.14 4.35 -6.03
C SER C 100 22.36 4.63 -4.55
N ILE C 101 22.67 3.61 -3.79
CA ILE C 101 22.88 3.75 -2.36
C ILE C 101 23.98 4.78 -2.06
N ARG C 102 25.13 4.66 -2.72
CA ARG C 102 26.22 5.63 -2.47
C ARG C 102 25.87 6.98 -3.08
N GLY C 103 25.13 6.97 -4.19
CA GLY C 103 24.83 8.18 -4.92
C GLY C 103 23.94 9.08 -4.08
N ASP C 104 22.99 8.48 -3.35
CA ASP C 104 22.03 9.22 -2.56
C ASP C 104 22.47 9.45 -1.14
N LEU C 105 23.26 8.52 -0.57
CA LEU C 105 23.52 8.56 0.86
C LEU C 105 24.91 8.88 1.30
N GLY C 106 25.90 8.73 0.41
CA GLY C 106 27.30 8.84 0.79
C GLY C 106 27.94 10.12 0.29
N LEU C 107 29.00 10.56 0.98
CA LEU C 107 29.71 11.77 0.58
C LEU C 107 31.12 11.54 0.02
N THR C 108 31.87 10.66 0.67
CA THR C 108 33.30 10.52 0.39
C THR C 108 33.64 9.05 0.26
N VAL C 109 34.68 8.78 -0.52
CA VAL C 109 35.06 7.44 -0.89
C VAL C 109 35.35 6.58 0.35
N GLY C 110 35.95 7.15 1.39
CA GLY C 110 36.27 6.43 2.65
C GLY C 110 35.07 6.10 3.52
N ARG C 111 33.99 6.86 3.30
CA ARG C 111 32.75 6.66 4.09
C ARG C 111 31.61 6.44 3.11
N ASN C 112 31.57 5.25 2.50
CA ASN C 112 30.63 5.00 1.43
C ASN C 112 29.60 3.93 1.71
N ILE C 113 29.09 3.91 2.93
CA ILE C 113 27.83 3.28 3.30
C ILE C 113 27.85 1.74 3.27
N ILE C 114 28.37 1.15 2.20
CA ILE C 114 28.15 -0.27 1.98
C ILE C 114 29.24 -0.90 1.16
N HIS C 115 29.56 -2.14 1.48
CA HIS C 115 30.43 -2.93 0.67
C HIS C 115 29.67 -4.03 -0.10
N GLY C 116 30.05 -4.25 -1.35
CA GLY C 116 29.60 -5.40 -2.11
C GLY C 116 30.77 -6.11 -2.75
N SER C 117 30.75 -7.44 -2.76
CA SER C 117 31.76 -8.25 -3.47
C SER C 117 31.92 -7.77 -4.88
N ASP C 118 33.16 -7.60 -5.30
CA ASP C 118 33.36 -7.18 -6.67
C ASP C 118 33.35 -8.28 -7.74
N SER C 119 33.24 -9.56 -7.35
CA SER C 119 33.24 -10.66 -8.34
C SER C 119 32.68 -11.93 -7.73
N LEU C 120 32.43 -12.91 -8.58
CA LEU C 120 32.09 -14.26 -8.12
C LEU C 120 33.15 -14.84 -7.19
N GLU C 121 34.46 -14.75 -7.52
CA GLU C 121 35.56 -15.22 -6.63
C GLU C 121 35.56 -14.51 -5.29
N SER C 122 35.52 -13.20 -5.30
CA SER C 122 35.52 -12.52 -4.00
C SER C 122 34.23 -12.70 -3.24
N ALA C 123 33.12 -12.94 -3.94
CA ALA C 123 31.86 -13.31 -3.26
C ALA C 123 32.00 -14.60 -2.46
N GLU C 124 32.51 -15.68 -3.08
CA GLU C 124 32.59 -16.93 -2.30
C GLU C 124 33.69 -16.89 -1.24
N ARG C 125 34.72 -16.13 -1.50
CA ARG C 125 35.72 -15.89 -0.50
C ARG C 125 35.18 -15.11 0.72
N GLU C 126 34.50 -13.99 0.46
CA GLU C 126 33.93 -13.15 1.50
C GLU C 126 32.80 -13.86 2.25
N ILE C 127 31.96 -14.59 1.52
CA ILE C 127 30.88 -15.33 2.20
C ILE C 127 31.45 -16.36 3.16
N ASN C 128 32.48 -17.08 2.73
CA ASN C 128 33.05 -18.12 3.61
C ASN C 128 33.80 -17.57 4.80
N LEU C 129 34.40 -16.39 4.62
CA LEU C 129 35.08 -15.69 5.65
C LEU C 129 34.12 -15.22 6.76
N TRP C 130 33.00 -14.61 6.37
CA TRP C 130 32.13 -13.91 7.34
C TRP C 130 31.02 -14.78 7.92
N PHE C 131 30.70 -15.86 7.22
CA PHE C 131 29.57 -16.69 7.58
C PHE C 131 29.95 -18.16 7.55
N ASN C 132 29.36 -18.90 8.48
CA ASN C 132 29.33 -20.34 8.39
C ASN C 132 28.07 -20.80 7.69
N GLU C 133 28.11 -21.99 7.14
CA GLU C 133 27.01 -22.45 6.31
C GLU C 133 25.69 -22.48 7.09
N ASN C 134 25.75 -22.76 8.39
CA ASN C 134 24.55 -22.86 9.24
C ASN C 134 23.91 -21.51 9.59
N GLU C 135 24.59 -20.43 9.27
CA GLU C 135 24.03 -19.10 9.47
C GLU C 135 23.35 -18.63 8.18
N ILE C 136 23.44 -19.43 7.12
CA ILE C 136 22.87 -19.06 5.84
C ILE C 136 21.64 -19.91 5.59
N THR C 137 20.51 -19.26 5.54
CA THR C 137 19.25 -19.93 5.32
C THR C 137 18.95 -20.04 3.82
N SER C 138 18.04 -20.93 3.49
CA SER C 138 17.64 -21.17 2.11
C SER C 138 16.12 -21.21 2.21
N TYR C 139 15.42 -20.52 1.34
CA TYR C 139 13.96 -20.55 1.41
C TYR C 139 13.38 -19.96 0.14
N ALA C 140 12.26 -20.55 -0.27
CA ALA C 140 11.47 -20.06 -1.38
C ALA C 140 10.62 -18.88 -0.91
N SER C 141 10.41 -17.91 -1.79
CA SER C 141 9.61 -16.75 -1.46
C SER C 141 8.52 -16.59 -2.48
N PRO C 142 7.37 -16.09 -2.03
CA PRO C 142 6.24 -15.84 -2.89
C PRO C 142 6.60 -15.11 -4.19
N ARG C 143 7.50 -14.14 -4.14
CA ARG C 143 7.76 -13.29 -5.30
C ARG C 143 8.72 -13.90 -6.30
N ASP C 144 9.43 -14.96 -5.88
CA ASP C 144 10.36 -15.69 -6.76
C ASP C 144 9.82 -15.99 -8.15
N ALA C 145 8.58 -16.48 -8.24
CA ALA C 145 7.90 -16.76 -9.52
C ALA C 145 7.57 -15.51 -10.34
N TRP C 146 7.72 -14.33 -9.75
CA TRP C 146 7.40 -13.05 -10.41
C TRP C 146 8.63 -12.21 -10.70
N LEU C 147 9.77 -12.69 -10.24
CA LEU C 147 11.07 -12.04 -10.50
C LEU C 147 11.73 -12.68 -11.71
N TYR C 148 11.51 -13.97 -11.90
CA TYR C 148 12.16 -14.75 -12.96
C TYR C 148 11.16 -15.48 -13.89
N GLU C 149 11.54 -15.69 -15.18
CA GLU C 149 10.85 -16.59 -16.11
C GLU C 149 11.19 -18.05 -15.83
N MET D 1 -14.16 -13.94 -0.78
CA MET D 1 -13.55 -13.15 0.36
C MET D 1 -14.12 -11.75 0.37
N GLU D 2 -14.24 -11.16 1.54
CA GLU D 2 -14.94 -9.88 1.73
C GLU D 2 -14.30 -8.78 0.87
N ARG D 3 -15.18 -7.94 0.33
CA ARG D 3 -14.80 -6.80 -0.49
C ARG D 3 -15.41 -5.52 0.01
N THR D 4 -14.77 -4.39 -0.30
CA THR D 4 -15.35 -3.08 0.02
C THR D 4 -15.13 -2.15 -1.14
N PHE D 5 -15.91 -1.08 -1.19
CA PHE D 5 -15.71 -0.08 -2.21
C PHE D 5 -14.93 1.11 -1.62
N LEU D 6 -13.89 1.51 -2.33
CA LEU D 6 -13.08 2.67 -1.99
C LEU D 6 -13.05 3.65 -3.14
N MET D 7 -12.99 4.93 -2.77
CA MET D 7 -12.90 5.99 -3.74
C MET D 7 -11.96 7.12 -3.34
N ILE D 8 -10.93 7.30 -4.13
CA ILE D 8 -10.05 8.42 -3.96
C ILE D 8 -10.75 9.67 -4.51
N LYS D 9 -10.90 10.67 -3.65
CA LYS D 9 -11.72 11.82 -3.99
C LYS D 9 -10.99 12.84 -4.83
N PRO D 10 -11.73 13.80 -5.43
CA PRO D 10 -11.09 14.77 -6.35
C PRO D 10 -10.03 15.61 -5.69
N ASP D 11 -10.18 15.90 -4.40
CA ASP D 11 -9.12 16.58 -3.67
C ASP D 11 -7.80 15.78 -3.77
N ALA D 12 -7.86 14.48 -3.54
CA ALA D 12 -6.63 13.71 -3.54
C ALA D 12 -6.03 13.67 -4.95
N VAL D 13 -6.90 13.46 -5.94
CA VAL D 13 -6.50 13.47 -7.36
C VAL D 13 -5.84 14.78 -7.74
N GLN D 14 -6.44 15.91 -7.34
CA GLN D 14 -5.90 17.23 -7.70
C GLN D 14 -4.70 17.63 -6.86
N ARG D 15 -4.44 16.92 -5.76
CA ARG D 15 -3.26 17.11 -4.94
C ARG D 15 -2.14 16.10 -5.30
N ASN D 16 -2.40 15.23 -6.28
CA ASN D 16 -1.41 14.30 -6.80
C ASN D 16 -1.05 13.22 -5.79
N LEU D 17 -2.06 12.76 -5.07
CA LEU D 17 -1.86 11.82 -3.97
C LEU D 17 -2.32 10.41 -4.34
N ILE D 18 -2.59 10.15 -5.62
CA ILE D 18 -3.24 8.89 -5.99
C ILE D 18 -2.33 7.70 -5.60
N GLY D 19 -1.05 7.83 -5.90
CA GLY D 19 -0.08 6.79 -5.57
C GLY D 19 0.12 6.56 -4.11
N GLU D 20 0.41 7.63 -3.36
CA GLU D 20 0.50 7.60 -1.90
C GLU D 20 -0.72 6.89 -1.30
N VAL D 21 -1.93 7.26 -1.71
CA VAL D 21 -3.10 6.62 -1.12
C VAL D 21 -3.16 5.15 -1.44
N ILE D 22 -2.91 4.80 -2.69
CA ILE D 22 -2.91 3.38 -3.07
C ILE D 22 -1.81 2.59 -2.28
N SER D 23 -0.63 3.15 -2.09
CA SER D 23 0.41 2.46 -1.36
C SER D 23 -0.03 2.17 0.09
N ARG D 24 -0.70 3.10 0.73
CA ARG D 24 -1.24 2.80 2.07
C ARG D 24 -2.25 1.64 2.11
N ILE D 25 -3.10 1.54 1.08
CA ILE D 25 -4.07 0.45 0.98
C ILE D 25 -3.36 -0.88 0.72
N GLU D 26 -2.46 -0.87 -0.27
CA GLU D 26 -1.66 -2.05 -0.66
C GLU D 26 -0.83 -2.64 0.50
N ARG D 27 -0.04 -1.78 1.17
CA ARG D 27 0.90 -2.22 2.20
C ARG D 27 0.20 -2.82 3.47
N LYS D 28 -1.07 -2.47 3.65
CA LYS D 28 -1.87 -3.04 4.67
C LYS D 28 -2.24 -4.50 4.41
N GLY D 29 -2.19 -4.96 3.14
CA GLY D 29 -2.50 -6.36 2.82
C GLY D 29 -3.78 -6.50 2.03
N LEU D 30 -4.47 -5.38 1.83
CA LEU D 30 -5.70 -5.39 1.08
C LEU D 30 -5.40 -5.56 -0.38
N LYS D 31 -6.18 -6.40 -1.06
CA LYS D 31 -5.92 -6.69 -2.49
C LYS D 31 -6.74 -5.80 -3.43
N LEU D 32 -6.08 -5.05 -4.29
CA LEU D 32 -6.79 -4.30 -5.32
C LEU D 32 -7.35 -5.23 -6.41
N VAL D 33 -8.67 -5.23 -6.53
CA VAL D 33 -9.35 -6.21 -7.37
C VAL D 33 -10.18 -5.53 -8.48
N GLY D 34 -10.59 -4.28 -8.24
CA GLY D 34 -11.15 -3.42 -9.27
C GLY D 34 -10.60 -2.03 -9.08
N GLY D 35 -10.29 -1.33 -10.16
CA GLY D 35 -9.82 0.04 -10.10
C GLY D 35 -9.93 0.79 -11.41
N LYS D 36 -10.49 2.01 -11.37
CA LYS D 36 -10.58 2.81 -12.57
C LYS D 36 -10.66 4.31 -12.28
N LEU D 37 -9.90 5.07 -13.06
CA LEU D 37 -9.98 6.53 -13.04
C LEU D 37 -11.19 6.98 -13.86
N MET D 38 -12.09 7.74 -13.25
CA MET D 38 -13.32 8.16 -13.94
C MET D 38 -13.85 9.54 -13.51
N GLN D 39 -14.37 10.27 -14.48
CA GLN D 39 -15.26 11.39 -14.21
C GLN D 39 -16.59 10.82 -13.66
N VAL D 40 -17.08 11.38 -12.55
CA VAL D 40 -18.34 10.93 -11.92
C VAL D 40 -19.60 11.62 -12.53
N PRO D 41 -20.46 10.87 -13.28
CA PRO D 41 -21.69 11.50 -13.85
C PRO D 41 -22.60 11.95 -12.71
N MET D 42 -23.32 13.06 -12.84
CA MET D 42 -24.07 13.58 -11.67
C MET D 42 -25.09 12.59 -11.11
N GLU D 43 -25.79 11.85 -11.98
CA GLU D 43 -26.76 10.87 -11.48
C GLU D 43 -26.07 9.91 -10.52
N LEU D 44 -24.98 9.29 -10.99
CA LEU D 44 -24.16 8.38 -10.21
C LEU D 44 -23.80 8.96 -8.84
N ALA D 45 -23.44 10.23 -8.85
CA ALA D 45 -23.13 10.97 -7.64
C ALA D 45 -24.35 11.04 -6.72
N GLU D 46 -25.48 11.45 -7.28
CA GLU D 46 -26.72 11.60 -6.51
C GLU D 46 -27.20 10.29 -5.88
N THR D 47 -27.25 9.22 -6.68
CA THR D 47 -27.62 7.91 -6.13
C THR D 47 -26.59 7.36 -5.13
N HIS D 48 -25.30 7.61 -5.36
CA HIS D 48 -24.26 7.20 -4.40
C HIS D 48 -24.37 7.85 -3.00
N TYR D 49 -24.60 9.14 -2.93
CA TYR D 49 -24.72 9.80 -1.64
C TYR D 49 -26.19 10.03 -1.25
N GLY D 50 -27.08 9.16 -1.74
CA GLY D 50 -28.54 9.27 -1.55
C GLY D 50 -28.96 9.54 -0.12
N GLU D 51 -28.29 8.84 0.81
CA GLU D 51 -28.53 8.87 2.27
C GLU D 51 -28.32 10.25 2.92
N HIS D 52 -27.64 11.14 2.21
CA HIS D 52 -27.20 12.41 2.77
C HIS D 52 -28.06 13.56 2.27
N GLN D 53 -28.98 13.25 1.36
CA GLN D 53 -29.66 14.25 0.50
C GLN D 53 -30.18 15.53 1.16
N GLY D 54 -31.01 15.39 2.20
CA GLY D 54 -31.63 16.54 2.86
C GLY D 54 -30.64 17.51 3.47
N LYS D 55 -29.60 16.94 4.08
CA LYS D 55 -28.60 17.62 4.95
C LYS D 55 -27.96 18.92 4.42
N PRO D 56 -27.45 19.78 5.35
CA PRO D 56 -26.88 21.09 5.00
C PRO D 56 -25.69 21.07 4.01
N PHE D 57 -24.93 19.98 4.01
CA PHE D 57 -23.71 19.85 3.18
C PHE D 57 -23.86 18.98 1.91
N TYR D 58 -25.08 18.85 1.40
CA TYR D 58 -25.37 17.98 0.25
C TYR D 58 -24.94 18.57 -1.09
N ASN D 59 -25.46 19.74 -1.44
CA ASN D 59 -25.16 20.35 -2.73
C ASN D 59 -23.64 20.47 -2.97
N ASP D 60 -22.89 20.77 -1.88
CA ASP D 60 -21.45 21.00 -1.95
C ASP D 60 -20.65 19.68 -1.99
N LEU D 61 -21.30 18.62 -1.58
CA LEU D 61 -20.82 17.26 -1.71
C LEU D 61 -20.95 16.77 -3.18
N ILE D 62 -22.09 17.08 -3.84
CA ILE D 62 -22.32 16.67 -5.24
C ILE D 62 -21.41 17.43 -6.20
N SER D 63 -21.29 18.72 -5.95
CA SER D 63 -20.56 19.60 -6.84
C SER D 63 -19.09 19.19 -6.73
N PHE D 64 -18.65 18.90 -5.52
CA PHE D 64 -17.27 18.50 -5.26
C PHE D 64 -16.90 17.16 -5.92
N ILE D 65 -17.74 16.15 -5.72
CA ILE D 65 -17.46 14.82 -6.22
C ILE D 65 -17.52 14.75 -7.75
N THR D 66 -18.10 15.78 -8.37
CA THR D 66 -18.22 15.87 -9.85
C THR D 66 -17.20 16.81 -10.48
N SER D 67 -16.45 17.53 -9.65
CA SER D 67 -15.57 18.62 -10.10
C SER D 67 -14.25 18.17 -10.73
N ALA D 68 -13.82 16.92 -10.48
CA ALA D 68 -12.65 16.37 -11.15
C ALA D 68 -12.76 14.89 -11.04
N PRO D 69 -11.89 14.14 -11.73
CA PRO D 69 -12.01 12.67 -11.69
C PRO D 69 -11.76 12.08 -10.32
N VAL D 70 -12.29 10.88 -10.10
CA VAL D 70 -11.99 10.09 -8.91
C VAL D 70 -11.33 8.79 -9.31
N PHE D 71 -10.76 8.11 -8.32
CA PHE D 71 -10.25 6.77 -8.52
C PHE D 71 -11.12 5.83 -7.71
N ALA D 72 -12.00 5.11 -8.41
CA ALA D 72 -12.92 4.20 -7.79
C ALA D 72 -12.25 2.84 -7.69
N MET D 73 -12.40 2.16 -6.56
CA MET D 73 -11.67 0.90 -6.31
C MET D 73 -12.56 -0.13 -5.68
N VAL D 74 -12.29 -1.39 -6.01
CA VAL D 74 -12.81 -2.50 -5.26
C VAL D 74 -11.60 -3.23 -4.63
N VAL D 75 -11.73 -3.51 -3.34
CA VAL D 75 -10.60 -3.96 -2.52
C VAL D 75 -11.01 -5.13 -1.73
N GLU D 76 -10.13 -6.13 -1.72
CA GLU D 76 -10.46 -7.46 -1.22
C GLU D 76 -9.57 -7.90 -0.06
N GLY D 77 -10.17 -8.45 0.99
CA GLY D 77 -9.42 -9.02 2.10
C GLY D 77 -10.31 -9.39 3.26
N GLU D 78 -9.82 -10.22 4.16
CA GLU D 78 -10.55 -10.58 5.36
C GLU D 78 -10.87 -9.31 6.11
N ASP D 79 -12.15 -9.14 6.46
CA ASP D 79 -12.61 -8.00 7.25
C ASP D 79 -12.35 -6.64 6.52
N ALA D 80 -12.39 -6.70 5.20
CA ALA D 80 -12.04 -5.56 4.36
C ALA D 80 -12.73 -4.23 4.66
N VAL D 81 -14.03 -4.28 4.87
CA VAL D 81 -14.82 -3.07 5.15
C VAL D 81 -14.25 -2.37 6.37
N ASN D 82 -14.14 -3.07 7.49
CA ASN D 82 -13.62 -2.48 8.71
C ASN D 82 -12.15 -2.12 8.70
N VAL D 83 -11.36 -2.95 8.02
CA VAL D 83 -9.91 -2.75 7.92
C VAL D 83 -9.65 -1.46 7.15
N SER D 84 -10.36 -1.26 6.04
CA SER D 84 -10.27 -0.03 5.27
C SER D 84 -10.64 1.22 6.05
N ARG D 85 -11.69 1.13 6.86
CA ARG D 85 -12.18 2.25 7.64
C ARG D 85 -11.19 2.63 8.74
N HIS D 86 -10.51 1.62 9.26
CA HIS D 86 -9.46 1.78 10.25
C HIS D 86 -8.27 2.57 9.66
N ILE D 87 -7.77 2.17 8.51
CA ILE D 87 -6.63 2.89 7.92
C ILE D 87 -7.02 4.23 7.31
N ILE D 88 -8.28 4.36 6.89
CA ILE D 88 -8.78 5.64 6.39
C ILE D 88 -8.95 6.68 7.51
N GLY D 89 -9.40 6.25 8.68
CA GLY D 89 -9.54 7.18 9.79
C GLY D 89 -10.88 7.90 9.87
N SER D 90 -11.07 8.60 10.99
CA SER D 90 -12.34 9.31 11.25
C SER D 90 -12.73 10.25 10.11
N THR D 91 -14.03 10.50 9.95
CA THR D 91 -14.55 11.43 8.97
C THR D 91 -13.86 12.81 9.04
N ASN D 92 -13.65 13.31 10.26
CA ASN D 92 -13.00 14.58 10.44
C ASN D 92 -11.52 14.34 10.62
N PRO D 93 -10.72 14.84 9.64
CA PRO D 93 -9.27 14.59 9.60
C PRO D 93 -8.51 15.12 10.83
N SER D 94 -9.20 15.90 11.67
CA SER D 94 -8.56 16.45 12.90
C SER D 94 -8.83 15.56 14.10
N GLU D 95 -9.74 14.62 13.93
CA GLU D 95 -9.98 13.60 14.91
C GLU D 95 -9.32 12.31 14.44
N ALA D 96 -9.10 12.17 13.14
CA ALA D 96 -8.54 10.97 12.58
C ALA D 96 -7.14 10.71 13.16
N SER D 97 -6.86 9.47 13.49
CA SER D 97 -5.57 9.11 14.04
C SER D 97 -4.39 9.47 13.13
N PRO D 98 -3.36 10.10 13.70
CA PRO D 98 -2.12 10.23 12.92
C PRO D 98 -1.68 8.88 12.42
N GLY D 99 -1.18 8.80 11.19
CA GLY D 99 -0.92 7.51 10.54
C GLY D 99 -2.04 7.06 9.60
N SER D 100 -3.25 7.56 9.80
CA SER D 100 -4.33 7.16 8.92
C SER D 100 -4.30 8.08 7.69
N ILE D 101 -4.91 7.64 6.59
CA ILE D 101 -4.91 8.43 5.39
C ILE D 101 -5.45 9.86 5.69
N ARG D 102 -6.64 9.96 6.29
CA ARG D 102 -7.19 11.28 6.56
C ARG D 102 -6.37 12.02 7.62
N GLY D 103 -5.88 11.30 8.62
CA GLY D 103 -5.12 11.93 9.69
C GLY D 103 -3.83 12.54 9.17
N ASP D 104 -3.17 11.88 8.21
CA ASP D 104 -1.92 12.41 7.67
C ASP D 104 -2.14 13.40 6.53
N LEU D 105 -3.16 13.17 5.71
CA LEU D 105 -3.26 13.89 4.45
C LEU D 105 -4.40 14.89 4.30
N GLY D 106 -5.43 14.81 5.15
CA GLY D 106 -6.62 15.67 5.01
C GLY D 106 -6.69 16.79 6.01
N LEU D 107 -7.38 17.86 5.66
CA LEU D 107 -7.49 19.00 6.58
C LEU D 107 -8.88 19.24 7.12
N THR D 108 -9.89 19.04 6.29
CA THR D 108 -11.28 19.40 6.66
C THR D 108 -12.18 18.26 6.29
N VAL D 109 -13.31 18.18 6.98
CA VAL D 109 -14.28 17.10 6.78
C VAL D 109 -14.83 17.02 5.33
N GLY D 110 -15.08 18.16 4.70
CA GLY D 110 -15.55 18.19 3.32
C GLY D 110 -14.54 17.76 2.29
N ARG D 111 -13.27 17.83 2.66
CA ARG D 111 -12.17 17.48 1.76
C ARG D 111 -11.28 16.41 2.42
N ASN D 112 -11.80 15.20 2.57
CA ASN D 112 -11.12 14.14 3.31
C ASN D 112 -10.61 12.97 2.49
N ILE D 113 -10.11 13.25 1.28
CA ILE D 113 -9.18 12.38 0.55
C ILE D 113 -9.79 11.12 -0.03
N ILE D 114 -10.64 10.44 0.75
CA ILE D 114 -11.01 9.08 0.39
C ILE D 114 -12.30 8.66 1.02
N HIS D 115 -13.08 7.86 0.29
CA HIS D 115 -14.31 7.28 0.81
C HIS D 115 -14.12 5.79 0.92
N GLY D 116 -14.63 5.22 2.00
CA GLY D 116 -14.82 3.77 2.17
C GLY D 116 -16.26 3.42 2.60
N SER D 117 -16.82 2.35 2.04
CA SER D 117 -18.09 1.79 2.49
C SER D 117 -18.17 1.59 4.00
N ASP D 118 -19.25 2.07 4.61
CA ASP D 118 -19.35 1.99 6.05
C ASP D 118 -19.93 0.68 6.59
N SER D 119 -20.31 -0.23 5.70
CA SER D 119 -20.83 -1.55 6.13
C SER D 119 -20.79 -2.57 5.01
N LEU D 120 -21.05 -3.83 5.38
CA LEU D 120 -21.18 -4.90 4.41
C LEU D 120 -22.29 -4.57 3.43
N GLU D 121 -23.41 -4.09 3.97
CA GLU D 121 -24.54 -3.72 3.16
C GLU D 121 -24.10 -2.70 2.13
N SER D 122 -23.73 -1.49 2.57
CA SER D 122 -23.33 -0.42 1.63
C SER D 122 -22.15 -0.82 0.71
N ALA D 123 -21.27 -1.69 1.16
CA ALA D 123 -20.22 -2.25 0.29
C ALA D 123 -20.80 -2.95 -0.92
N GLU D 124 -21.69 -3.93 -0.69
CA GLU D 124 -22.37 -4.62 -1.78
C GLU D 124 -23.11 -3.65 -2.67
N ARG D 125 -23.77 -2.63 -2.09
CA ARG D 125 -24.51 -1.61 -2.83
C ARG D 125 -23.57 -0.74 -3.68
N GLU D 126 -22.58 -0.14 -3.03
CA GLU D 126 -21.63 0.73 -3.73
C GLU D 126 -20.82 0.00 -4.82
N ILE D 127 -20.44 -1.24 -4.54
CA ILE D 127 -19.71 -2.03 -5.55
C ILE D 127 -20.55 -2.25 -6.80
N ASN D 128 -21.80 -2.67 -6.63
CA ASN D 128 -22.69 -2.86 -7.76
C ASN D 128 -23.02 -1.57 -8.52
N LEU D 129 -23.08 -0.46 -7.78
CA LEU D 129 -23.37 0.84 -8.38
C LEU D 129 -22.23 1.33 -9.30
N TRP D 130 -21.00 1.21 -8.83
CA TRP D 130 -19.84 1.75 -9.55
C TRP D 130 -19.18 0.78 -10.53
N PHE D 131 -19.39 -0.51 -10.34
CA PHE D 131 -18.67 -1.50 -11.13
C PHE D 131 -19.61 -2.58 -11.66
N ASN D 132 -19.36 -3.03 -12.89
CA ASN D 132 -19.97 -4.26 -13.38
C ASN D 132 -19.04 -5.42 -13.09
N GLU D 133 -19.60 -6.63 -13.04
CA GLU D 133 -18.87 -7.78 -12.56
C GLU D 133 -17.63 -8.09 -13.42
N ASN D 134 -17.67 -7.70 -14.70
CA ASN D 134 -16.58 -7.97 -15.63
C ASN D 134 -15.41 -7.00 -15.47
N GLU D 135 -15.63 -5.90 -14.73
CA GLU D 135 -14.54 -4.99 -14.38
C GLU D 135 -13.81 -5.44 -13.13
N ILE D 136 -14.34 -6.46 -12.46
CA ILE D 136 -13.77 -6.87 -11.18
C ILE D 136 -13.09 -8.19 -11.39
N THR D 137 -11.81 -8.23 -11.07
CA THR D 137 -10.97 -9.37 -11.39
C THR D 137 -10.85 -10.18 -10.10
N SER D 138 -10.52 -11.46 -10.25
CA SER D 138 -10.19 -12.31 -9.12
C SER D 138 -8.86 -12.97 -9.45
N TYR D 139 -7.93 -12.89 -8.48
CA TYR D 139 -6.63 -13.52 -8.64
C TYR D 139 -6.01 -13.83 -7.28
N ALA D 140 -5.30 -14.93 -7.24
CA ALA D 140 -4.49 -15.31 -6.10
C ALA D 140 -3.17 -14.51 -6.17
N SER D 141 -2.65 -14.15 -4.99
CA SER D 141 -1.43 -13.39 -4.92
C SER D 141 -0.41 -14.13 -4.07
N PRO D 142 0.88 -14.02 -4.42
CA PRO D 142 1.94 -14.69 -3.69
C PRO D 142 1.86 -14.51 -2.16
N ARG D 143 1.44 -13.31 -1.71
CA ARG D 143 1.47 -12.94 -0.30
C ARG D 143 0.24 -13.45 0.46
N ASP D 144 -0.79 -13.89 -0.28
CA ASP D 144 -2.00 -14.41 0.35
C ASP D 144 -1.75 -15.43 1.45
N ALA D 145 -0.85 -16.37 1.21
CA ALA D 145 -0.50 -17.40 2.17
C ALA D 145 0.26 -16.84 3.39
N TRP D 146 0.70 -15.58 3.31
CA TRP D 146 1.43 -14.98 4.42
C TRP D 146 0.59 -13.95 5.16
N LEU D 147 -0.55 -13.60 4.58
CA LEU D 147 -1.45 -12.67 5.22
C LEU D 147 -2.42 -13.38 6.15
N TYR D 148 -2.78 -14.63 5.82
CA TYR D 148 -3.81 -15.39 6.53
C TYR D 148 -3.30 -16.77 6.98
N GLU D 149 -3.82 -17.25 8.12
CA GLU D 149 -3.55 -18.61 8.61
C GLU D 149 -4.53 -19.69 8.06
N MET E 1 34.95 24.87 5.79
CA MET E 1 34.43 23.84 4.88
C MET E 1 33.65 24.46 3.73
N GLU E 2 33.71 23.81 2.55
CA GLU E 2 33.12 24.36 1.35
C GLU E 2 31.59 24.57 1.49
N ARG E 3 31.12 25.67 0.91
CA ARG E 3 29.73 26.04 0.94
C ARG E 3 29.15 26.25 -0.43
N THR E 4 27.85 26.01 -0.58
CA THR E 4 27.19 26.42 -1.80
C THR E 4 25.83 27.03 -1.50
N PHE E 5 25.30 27.77 -2.48
CA PHE E 5 23.98 28.31 -2.36
C PHE E 5 22.97 27.49 -3.13
N LEU E 6 21.93 27.06 -2.40
CA LEU E 6 20.82 26.37 -3.01
C LEU E 6 19.51 27.14 -2.82
N MET E 7 18.60 26.96 -3.77
CA MET E 7 17.34 27.64 -3.73
C MET E 7 16.23 26.79 -4.27
N ILE E 8 15.25 26.51 -3.44
CA ILE E 8 14.05 25.77 -3.87
C ILE E 8 13.13 26.75 -4.54
N LYS E 9 12.80 26.50 -5.80
CA LYS E 9 12.12 27.55 -6.62
C LYS E 9 10.61 27.59 -6.32
N PRO E 10 9.88 28.62 -6.80
CA PRO E 10 8.45 28.74 -6.62
C PRO E 10 7.66 27.54 -7.12
N ASP E 11 8.09 26.93 -8.23
CA ASP E 11 7.39 25.71 -8.64
C ASP E 11 7.41 24.65 -7.54
N ALA E 12 8.56 24.44 -6.91
CA ALA E 12 8.64 23.41 -5.88
C ALA E 12 7.83 23.80 -4.68
N VAL E 13 7.83 25.10 -4.38
CA VAL E 13 7.10 25.60 -3.23
C VAL E 13 5.59 25.43 -3.47
N GLN E 14 5.16 25.79 -4.67
CA GLN E 14 3.75 25.68 -5.01
C GLN E 14 3.26 24.27 -5.29
N ARG E 15 4.20 23.34 -5.42
CA ARG E 15 3.84 21.94 -5.53
C ARG E 15 4.00 21.18 -4.22
N ASN E 16 4.32 21.90 -3.15
CA ASN E 16 4.39 21.32 -1.81
C ASN E 16 5.55 20.31 -1.68
N LEU E 17 6.67 20.65 -2.27
CA LEU E 17 7.82 19.73 -2.32
C LEU E 17 8.99 20.23 -1.50
N ILE E 18 8.77 21.23 -0.63
CA ILE E 18 9.88 21.78 0.14
C ILE E 18 10.57 20.66 0.97
N GLY E 19 9.75 19.93 1.72
CA GLY E 19 10.24 18.84 2.59
C GLY E 19 11.02 17.75 1.84
N GLU E 20 10.38 17.20 0.80
CA GLU E 20 10.98 16.22 -0.05
C GLU E 20 12.35 16.68 -0.61
N VAL E 21 12.45 17.93 -1.07
CA VAL E 21 13.73 18.40 -1.60
C VAL E 21 14.81 18.59 -0.51
N ILE E 22 14.44 19.15 0.62
CA ILE E 22 15.36 19.19 1.79
C ILE E 22 15.83 17.80 2.20
N SER E 23 14.92 16.84 2.27
CA SER E 23 15.30 15.47 2.62
C SER E 23 16.40 14.90 1.75
N ARG E 24 16.35 15.16 0.45
CA ARG E 24 17.32 14.62 -0.46
C ARG E 24 18.67 15.31 -0.21
N ILE E 25 18.60 16.59 0.15
CA ILE E 25 19.86 17.30 0.40
C ILE E 25 20.50 16.75 1.67
N GLU E 26 19.69 16.63 2.72
CA GLU E 26 20.11 16.17 4.05
C GLU E 26 20.65 14.75 4.00
N ARG E 27 19.96 13.86 3.31
CA ARG E 27 20.34 12.45 3.38
C ARG E 27 21.66 12.17 2.60
N LYS E 28 22.05 13.13 1.78
CA LYS E 28 23.28 13.04 1.04
C LYS E 28 24.48 13.33 1.94
N GLY E 29 24.28 14.05 3.05
CA GLY E 29 25.42 14.32 3.96
C GLY E 29 25.72 15.82 4.04
N LEU E 30 25.02 16.61 3.22
CA LEU E 30 25.24 18.01 3.19
C LEU E 30 24.58 18.64 4.42
N LYS E 31 25.25 19.64 4.99
CA LYS E 31 24.79 20.27 6.18
C LYS E 31 24.09 21.61 5.90
N LEU E 32 22.82 21.67 6.27
CA LEU E 32 22.08 22.92 6.20
C LEU E 32 22.57 23.93 7.25
N VAL E 33 23.03 25.04 6.75
CA VAL E 33 23.76 25.96 7.57
C VAL E 33 23.09 27.32 7.53
N GLY E 34 22.43 27.63 6.42
CA GLY E 34 21.59 28.79 6.30
C GLY E 34 20.33 28.39 5.57
N GLY E 35 19.17 28.89 6.00
CA GLY E 35 17.92 28.65 5.33
C GLY E 35 16.77 29.58 5.74
N LYS E 36 16.02 30.01 4.75
CA LYS E 36 14.97 30.98 5.01
C LYS E 36 13.98 31.04 3.85
N LEU E 37 12.70 31.04 4.17
CA LEU E 37 11.62 31.17 3.21
C LEU E 37 11.36 32.63 2.99
N MET E 38 11.46 33.06 1.74
CA MET E 38 11.35 34.49 1.44
C MET E 38 10.64 34.77 0.14
N GLN E 39 9.89 35.86 0.12
CA GLN E 39 9.50 36.48 -1.14
C GLN E 39 10.76 37.12 -1.75
N VAL E 40 11.01 36.90 -3.04
CA VAL E 40 12.17 37.48 -3.69
C VAL E 40 11.86 38.91 -4.17
N PRO E 41 12.60 39.93 -3.69
CA PRO E 41 12.45 41.30 -4.27
C PRO E 41 12.99 41.40 -5.68
N MET E 42 12.36 42.26 -6.46
CA MET E 42 12.73 42.52 -7.85
C MET E 42 14.23 42.84 -7.97
N GLU E 43 14.68 43.76 -7.09
CA GLU E 43 16.10 44.09 -7.14
C GLU E 43 16.97 42.84 -7.16
N LEU E 44 16.73 41.99 -6.12
CA LEU E 44 17.56 40.81 -5.90
C LEU E 44 17.46 39.83 -7.06
N ALA E 45 16.27 39.64 -7.61
CA ALA E 45 16.13 38.67 -8.70
C ALA E 45 17.02 39.01 -9.91
N GLU E 46 17.00 40.29 -10.29
CA GLU E 46 17.74 40.79 -11.45
C GLU E 46 19.24 40.68 -11.28
N THR E 47 19.76 41.17 -10.15
CA THR E 47 21.18 40.93 -9.87
C THR E 47 21.59 39.43 -9.76
N HIS E 48 20.77 38.61 -9.10
CA HIS E 48 21.04 37.16 -9.04
C HIS E 48 21.14 36.58 -10.45
N TYR E 49 20.24 37.10 -11.31
CA TYR E 49 20.05 36.62 -12.65
C TYR E 49 20.67 37.61 -13.66
N GLY E 50 21.92 37.98 -13.35
CA GLY E 50 22.60 39.05 -14.08
C GLY E 50 23.18 38.55 -15.39
N GLU E 51 23.94 37.48 -15.30
CA GLU E 51 24.63 36.88 -16.42
C GLU E 51 23.78 36.62 -17.68
N HIS E 52 22.53 37.09 -17.66
CA HIS E 52 21.72 37.11 -18.90
C HIS E 52 20.53 38.05 -18.98
N GLN E 53 20.75 39.35 -18.80
CA GLN E 53 19.70 40.32 -19.15
C GLN E 53 19.42 40.21 -20.67
N GLY E 54 20.21 39.37 -21.36
CA GLY E 54 20.12 39.32 -22.83
C GLY E 54 19.19 38.27 -23.42
N LYS E 55 19.55 36.99 -23.19
CA LYS E 55 18.86 35.79 -23.69
C LYS E 55 17.31 35.83 -23.68
N PRO E 56 16.66 35.09 -24.61
CA PRO E 56 15.19 35.07 -24.76
C PRO E 56 14.45 34.50 -23.56
N PHE E 57 15.16 33.75 -22.74
CA PHE E 57 14.60 33.17 -21.53
C PHE E 57 14.97 34.00 -20.30
N TYR E 58 14.79 35.32 -20.39
CA TYR E 58 15.08 36.21 -19.25
C TYR E 58 13.85 36.74 -18.53
N ASN E 59 13.03 37.52 -19.22
CA ASN E 59 11.83 38.11 -18.61
C ASN E 59 10.96 37.09 -17.90
N ASP E 60 10.92 35.91 -18.50
CA ASP E 60 10.11 34.78 -18.08
C ASP E 60 10.86 34.01 -16.98
N LEU E 61 12.03 34.55 -16.63
CA LEU E 61 12.92 33.98 -15.65
C LEU E 61 13.27 35.06 -14.60
N ILE E 62 12.44 36.10 -14.55
CA ILE E 62 12.39 37.07 -13.43
C ILE E 62 10.96 37.08 -12.87
N SER E 63 10.00 36.90 -13.78
CA SER E 63 8.59 36.81 -13.42
C SER E 63 8.48 35.64 -12.48
N PHE E 64 8.89 34.49 -13.01
CA PHE E 64 8.78 33.24 -12.33
C PHE E 64 9.36 33.25 -10.92
N ILE E 65 10.59 33.77 -10.79
CA ILE E 65 11.31 33.71 -9.52
C ILE E 65 10.76 34.70 -8.51
N THR E 66 9.97 35.66 -9.00
CA THR E 66 9.24 36.61 -8.12
C THR E 66 7.76 36.23 -7.83
N SER E 67 7.26 35.17 -8.46
CA SER E 67 5.82 34.84 -8.46
C SER E 67 5.29 34.17 -7.17
N ALA E 68 6.20 33.54 -6.43
CA ALA E 68 5.88 32.96 -5.14
C ALA E 68 7.15 32.87 -4.32
N PRO E 69 7.03 32.56 -3.04
CA PRO E 69 8.23 32.51 -2.24
C PRO E 69 9.17 31.37 -2.66
N VAL E 70 10.44 31.53 -2.29
CA VAL E 70 11.47 30.52 -2.50
C VAL E 70 12.03 30.17 -1.15
N PHE E 71 12.74 29.04 -1.11
CA PHE E 71 13.46 28.66 0.09
C PHE E 71 14.97 28.67 -0.21
N ALA E 72 15.62 29.67 0.35
CA ALA E 72 16.99 29.97 0.05
C ALA E 72 17.86 29.29 1.09
N MET E 73 18.93 28.63 0.65
CA MET E 73 19.69 27.79 1.54
C MET E 73 21.18 27.99 1.35
N VAL E 74 21.94 27.88 2.44
CA VAL E 74 23.39 27.71 2.37
C VAL E 74 23.70 26.32 2.96
N VAL E 75 24.56 25.61 2.26
CA VAL E 75 24.72 24.22 2.53
C VAL E 75 26.22 23.96 2.54
N GLU E 76 26.67 23.14 3.49
CA GLU E 76 28.09 22.96 3.58
C GLU E 76 28.51 21.52 3.63
N GLY E 77 29.68 21.27 3.07
CA GLY E 77 30.19 19.92 2.95
C GLY E 77 31.39 19.88 2.04
N GLU E 78 32.20 18.83 2.22
CA GLU E 78 33.31 18.65 1.31
C GLU E 78 32.75 18.57 -0.09
N ASP E 79 33.29 19.41 -0.97
CA ASP E 79 32.98 19.42 -2.41
C ASP E 79 31.49 19.80 -2.64
N ALA E 80 30.93 20.55 -1.71
CA ALA E 80 29.50 20.93 -1.69
C ALA E 80 28.93 21.40 -3.01
N VAL E 81 29.70 22.21 -3.74
CA VAL E 81 29.22 22.80 -4.98
C VAL E 81 28.93 21.69 -5.99
N ASN E 82 29.90 20.83 -6.23
CA ASN E 82 29.71 19.75 -7.20
C ASN E 82 28.84 18.61 -6.70
N VAL E 83 28.92 18.31 -5.42
CA VAL E 83 28.00 17.34 -4.82
C VAL E 83 26.52 17.73 -4.99
N SER E 84 26.23 18.99 -4.75
CA SER E 84 24.87 19.54 -4.94
C SER E 84 24.37 19.46 -6.34
N ARG E 85 25.21 19.84 -7.29
CA ARG E 85 24.89 19.74 -8.70
C ARG E 85 24.61 18.30 -9.16
N HIS E 86 25.40 17.37 -8.62
CA HIS E 86 25.23 15.96 -8.90
C HIS E 86 23.85 15.45 -8.46
N ILE E 87 23.40 15.81 -7.26
CA ILE E 87 22.09 15.30 -6.81
C ILE E 87 20.91 16.12 -7.36
N ILE E 88 21.17 17.37 -7.71
CA ILE E 88 20.19 18.20 -8.38
C ILE E 88 19.90 17.65 -9.76
N GLY E 89 20.92 17.26 -10.51
CA GLY E 89 20.74 16.82 -11.91
C GLY E 89 20.82 17.91 -12.97
N SER E 90 20.80 17.48 -14.22
CA SER E 90 20.94 18.36 -15.40
C SER E 90 19.90 19.46 -15.41
N THR E 91 20.21 20.56 -16.08
CA THR E 91 19.30 21.69 -16.21
C THR E 91 17.95 21.26 -16.78
N ASN E 92 17.97 20.46 -17.84
CA ASN E 92 16.77 19.89 -18.41
C ASN E 92 16.40 18.60 -17.65
N PRO E 93 15.26 18.64 -16.91
CA PRO E 93 14.79 17.50 -16.11
C PRO E 93 14.52 16.25 -16.90
N SER E 94 14.35 16.40 -18.22
CA SER E 94 14.24 15.27 -19.15
C SER E 94 15.59 14.63 -19.52
N GLU E 95 16.73 15.26 -19.20
CA GLU E 95 18.08 14.69 -19.41
C GLU E 95 18.70 14.32 -18.07
N ALA E 96 18.16 14.92 -17.01
CA ALA E 96 18.64 14.71 -15.65
C ALA E 96 18.45 13.26 -15.25
N SER E 97 19.46 12.69 -14.58
CA SER E 97 19.39 11.30 -14.18
C SER E 97 18.19 10.99 -13.25
N PRO E 98 17.48 9.88 -13.54
CA PRO E 98 16.51 9.43 -12.57
C PRO E 98 17.20 9.24 -11.23
N GLY E 99 16.51 9.58 -10.14
CA GLY E 99 17.11 9.62 -8.82
C GLY E 99 17.57 11.01 -8.40
N SER E 100 17.76 11.93 -9.36
CA SER E 100 18.19 13.28 -9.01
C SER E 100 16.94 14.06 -8.75
N ILE E 101 17.06 15.19 -8.09
CA ILE E 101 15.90 15.97 -7.73
C ILE E 101 15.13 16.33 -9.00
N ARG E 102 15.79 16.93 -9.99
CA ARG E 102 15.11 17.38 -11.23
C ARG E 102 14.67 16.13 -12.04
N GLY E 103 15.46 15.06 -11.93
CA GLY E 103 15.19 13.84 -12.69
C GLY E 103 13.90 13.19 -12.24
N ASP E 104 13.64 13.22 -10.94
CA ASP E 104 12.42 12.63 -10.39
C ASP E 104 11.26 13.64 -10.31
N LEU E 105 11.55 14.93 -10.07
CA LEU E 105 10.47 15.84 -9.73
C LEU E 105 10.06 16.85 -10.76
N GLY E 106 10.93 17.11 -11.76
CA GLY E 106 10.75 18.23 -12.67
C GLY E 106 10.39 17.79 -14.05
N LEU E 107 9.75 18.67 -14.81
CA LEU E 107 9.30 18.34 -16.17
C LEU E 107 9.99 19.12 -17.26
N THR E 108 10.17 20.42 -17.04
CA THR E 108 10.67 21.32 -18.07
C THR E 108 11.79 22.18 -17.51
N VAL E 109 12.66 22.63 -18.40
CA VAL E 109 13.84 23.40 -18.05
C VAL E 109 13.54 24.69 -17.27
N GLY E 110 12.47 25.38 -17.64
CA GLY E 110 12.05 26.63 -16.97
C GLY E 110 11.42 26.40 -15.60
N ARG E 111 10.96 25.18 -15.36
CA ARG E 111 10.34 24.81 -14.08
C ARG E 111 11.09 23.62 -13.44
N ASN E 112 12.30 23.87 -12.94
CA ASN E 112 13.21 22.79 -12.55
C ASN E 112 13.58 22.74 -11.06
N ILE E 113 12.60 23.10 -10.22
CA ILE E 113 12.58 22.72 -8.85
C ILE E 113 13.56 23.47 -7.97
N ILE E 114 14.82 23.53 -8.40
CA ILE E 114 15.87 23.95 -7.51
C ILE E 114 17.02 24.54 -8.27
N HIS E 115 17.70 25.50 -7.63
CA HIS E 115 18.91 26.10 -8.15
C HIS E 115 20.08 25.76 -7.25
N GLY E 116 21.23 25.50 -7.86
CA GLY E 116 22.49 25.37 -7.14
C GLY E 116 23.57 26.14 -7.86
N SER E 117 24.44 26.80 -7.09
CA SER E 117 25.61 27.51 -7.62
C SER E 117 26.44 26.62 -8.53
N ASP E 118 26.82 27.13 -9.69
CA ASP E 118 27.54 26.32 -10.66
C ASP E 118 29.09 26.32 -10.51
N SER E 119 29.61 27.01 -9.50
CA SER E 119 31.06 27.06 -9.25
C SER E 119 31.32 27.66 -7.90
N LEU E 120 32.55 27.51 -7.42
CA LEU E 120 33.04 28.18 -6.21
C LEU E 120 32.84 29.71 -6.27
N GLU E 121 33.10 30.32 -7.43
CA GLU E 121 32.97 31.75 -7.67
C GLU E 121 31.52 32.19 -7.60
N SER E 122 30.60 31.53 -8.28
CA SER E 122 29.21 31.91 -8.11
C SER E 122 28.64 31.52 -6.72
N ALA E 123 29.19 30.49 -6.08
CA ALA E 123 28.83 30.17 -4.71
C ALA E 123 29.12 31.33 -3.73
N GLU E 124 30.37 31.83 -3.67
CA GLU E 124 30.73 32.99 -2.85
C GLU E 124 29.85 34.19 -3.18
N ARG E 125 29.60 34.43 -4.46
CA ARG E 125 28.78 35.55 -4.91
C ARG E 125 27.31 35.41 -4.50
N GLU E 126 26.70 34.28 -4.83
CA GLU E 126 25.30 34.03 -4.48
C GLU E 126 25.08 34.04 -2.98
N ILE E 127 25.99 33.42 -2.21
CA ILE E 127 25.85 33.39 -0.74
C ILE E 127 25.83 34.82 -0.15
N ASN E 128 26.80 35.64 -0.56
CA ASN E 128 26.87 37.02 -0.11
C ASN E 128 25.70 37.90 -0.51
N LEU E 129 25.16 37.64 -1.69
CA LEU E 129 23.97 38.32 -2.16
C LEU E 129 22.71 37.99 -1.33
N TRP E 130 22.46 36.72 -1.05
CA TRP E 130 21.20 36.30 -0.42
C TRP E 130 21.18 36.29 1.11
N PHE E 131 22.37 36.26 1.71
CA PHE E 131 22.51 36.06 3.14
C PHE E 131 23.56 36.98 3.67
N ASN E 132 23.33 37.48 4.88
CA ASN E 132 24.37 38.11 5.67
C ASN E 132 25.03 37.03 6.56
N GLU E 133 26.23 37.24 7.08
CA GLU E 133 26.93 36.21 7.86
C GLU E 133 26.18 35.90 9.14
N ASN E 134 25.43 36.78 9.70
CA ASN E 134 24.75 36.51 10.95
C ASN E 134 23.56 35.59 10.75
N GLU E 135 23.14 35.41 9.51
CA GLU E 135 22.05 34.45 9.21
C GLU E 135 22.63 33.06 8.98
N ILE E 136 23.95 32.96 8.87
CA ILE E 136 24.59 31.70 8.58
C ILE E 136 25.27 31.14 9.80
N THR E 137 24.81 29.96 10.18
CA THR E 137 25.19 29.36 11.45
C THR E 137 26.35 28.44 11.18
N SER E 138 27.08 28.08 12.22
CA SER E 138 28.12 27.08 12.05
C SER E 138 28.07 26.21 13.27
N TYR E 139 28.00 24.90 13.04
CA TYR E 139 27.83 23.98 14.11
C TYR E 139 28.36 22.61 13.73
N ALA E 140 28.93 21.90 14.70
CA ALA E 140 29.33 20.52 14.52
C ALA E 140 28.08 19.63 14.59
N SER E 141 28.10 18.52 13.86
CA SER E 141 27.01 17.56 13.89
C SER E 141 27.54 16.20 14.22
N PRO E 142 26.76 15.38 14.94
CA PRO E 142 27.14 14.02 15.34
C PRO E 142 27.62 13.15 14.17
N ARG E 143 27.10 13.39 12.97
CA ARG E 143 27.42 12.53 11.83
C ARG E 143 28.70 12.93 11.13
N ASP E 144 29.16 14.16 11.37
CA ASP E 144 30.38 14.66 10.69
C ASP E 144 31.56 13.67 10.74
N ALA E 145 31.77 13.04 11.89
CA ALA E 145 32.85 12.06 12.06
C ALA E 145 32.61 10.76 11.29
N TRP E 146 31.43 10.61 10.70
CA TRP E 146 31.04 9.41 9.95
C TRP E 146 30.84 9.70 8.47
N LEU E 147 30.88 10.97 8.12
CA LEU E 147 30.91 11.40 6.72
C LEU E 147 32.30 11.52 6.15
N TYR E 148 33.28 11.82 6.99
CA TYR E 148 34.67 12.14 6.53
C TYR E 148 35.67 11.36 7.38
N GLU E 149 36.94 11.35 7.00
CA GLU E 149 37.95 10.73 7.89
C GLU E 149 38.52 11.72 8.92
N MET F 1 -2.47 18.03 -25.53
CA MET F 1 -1.14 17.69 -24.95
C MET F 1 -0.75 16.23 -25.15
N GLU F 2 0.54 15.99 -25.36
CA GLU F 2 1.03 14.65 -25.63
C GLU F 2 0.64 13.59 -24.56
N ARG F 3 0.28 12.41 -25.05
CA ARG F 3 -0.14 11.29 -24.23
C ARG F 3 0.66 10.04 -24.53
N THR F 4 0.81 9.18 -23.54
CA THR F 4 1.43 7.90 -23.78
C THR F 4 0.67 6.82 -23.06
N PHE F 5 0.90 5.56 -23.44
CA PHE F 5 0.26 4.44 -22.80
C PHE F 5 1.30 3.74 -21.92
N LEU F 6 0.92 3.56 -20.66
CA LEU F 6 1.75 2.88 -19.67
C LEU F 6 0.95 1.70 -19.09
N MET F 7 1.68 0.65 -18.72
CA MET F 7 1.07 -0.52 -18.19
C MET F 7 1.92 -1.14 -17.10
N ILE F 8 1.32 -1.26 -15.93
CA ILE F 8 1.97 -1.91 -14.83
C ILE F 8 1.73 -3.41 -15.00
N LYS F 9 2.80 -4.16 -15.17
CA LYS F 9 2.71 -5.55 -15.55
C LYS F 9 2.36 -6.44 -14.37
N PRO F 10 2.02 -7.71 -14.64
CA PRO F 10 1.60 -8.65 -13.57
C PRO F 10 2.62 -8.84 -12.47
N ASP F 11 3.91 -8.76 -12.80
CA ASP F 11 4.98 -8.91 -11.80
C ASP F 11 4.86 -7.83 -10.77
N ALA F 12 4.63 -6.59 -11.20
CA ALA F 12 4.49 -5.50 -10.25
C ALA F 12 3.22 -5.64 -9.40
N VAL F 13 2.15 -6.11 -10.03
CA VAL F 13 0.86 -6.26 -9.37
C VAL F 13 0.99 -7.33 -8.30
N GLN F 14 1.65 -8.42 -8.67
CA GLN F 14 1.80 -9.53 -7.74
C GLN F 14 2.89 -9.27 -6.69
N ARG F 15 3.68 -8.22 -6.89
CA ARG F 15 4.64 -7.83 -5.85
C ARG F 15 4.14 -6.67 -4.98
N ASN F 16 2.93 -6.18 -5.29
CA ASN F 16 2.25 -5.18 -4.49
C ASN F 16 2.93 -3.82 -4.64
N LEU F 17 3.27 -3.49 -5.88
CA LEU F 17 4.05 -2.31 -6.20
C LEU F 17 3.24 -1.28 -6.96
N ILE F 18 1.93 -1.45 -7.03
CA ILE F 18 1.11 -0.58 -7.88
C ILE F 18 1.22 0.86 -7.42
N GLY F 19 1.11 1.07 -6.12
CA GLY F 19 1.15 2.41 -5.55
C GLY F 19 2.49 3.06 -5.76
N GLU F 20 3.55 2.32 -5.45
CA GLU F 20 4.92 2.79 -5.58
C GLU F 20 5.19 3.22 -7.04
N VAL F 21 4.77 2.42 -8.01
CA VAL F 21 4.96 2.76 -9.39
C VAL F 21 4.17 4.01 -9.82
N ILE F 22 2.93 4.12 -9.34
CA ILE F 22 2.09 5.27 -9.69
C ILE F 22 2.68 6.53 -9.07
N SER F 23 3.06 6.44 -7.80
CA SER F 23 3.80 7.56 -7.17
C SER F 23 4.95 8.11 -7.97
N ARG F 24 5.79 7.24 -8.54
CA ARG F 24 6.94 7.68 -9.34
C ARG F 24 6.51 8.39 -10.61
N ILE F 25 5.39 7.96 -11.19
CA ILE F 25 4.88 8.62 -12.41
C ILE F 25 4.28 9.97 -12.05
N GLU F 26 3.42 9.99 -11.03
CA GLU F 26 2.78 11.19 -10.54
C GLU F 26 3.79 12.27 -10.14
N ARG F 27 4.84 11.88 -9.39
CA ARG F 27 5.70 12.90 -8.77
C ARG F 27 6.54 13.63 -9.86
N LYS F 28 6.61 13.01 -11.04
CA LYS F 28 7.43 13.49 -12.10
C LYS F 28 6.71 14.63 -12.81
N GLY F 29 5.40 14.70 -12.61
CA GLY F 29 4.61 15.76 -13.18
C GLY F 29 3.64 15.27 -14.24
N LEU F 30 3.74 14.00 -14.62
CA LEU F 30 2.85 13.42 -15.63
C LEU F 30 1.46 13.28 -15.04
N LYS F 31 0.45 13.54 -15.86
CA LYS F 31 -0.92 13.60 -15.38
C LYS F 31 -1.65 12.31 -15.70
N LEU F 32 -2.12 11.60 -14.67
CA LEU F 32 -2.93 10.38 -14.91
C LEU F 32 -4.30 10.76 -15.47
N VAL F 33 -4.60 10.26 -16.66
CA VAL F 33 -5.74 10.71 -17.42
C VAL F 33 -6.69 9.53 -17.79
N GLY F 34 -6.11 8.34 -17.85
CA GLY F 34 -6.87 7.12 -18.01
C GLY F 34 -6.21 6.08 -17.14
N GLY F 35 -7.00 5.29 -16.42
CA GLY F 35 -6.43 4.18 -15.67
C GLY F 35 -7.40 3.13 -15.21
N LYS F 36 -7.04 1.88 -15.38
CA LYS F 36 -7.92 0.80 -15.01
C LYS F 36 -7.17 -0.49 -14.75
N LEU F 37 -7.63 -1.23 -13.73
CA LEU F 37 -7.11 -2.53 -13.39
C LEU F 37 -7.91 -3.53 -14.20
N MET F 38 -7.23 -4.37 -14.97
CA MET F 38 -7.89 -5.35 -15.85
C MET F 38 -7.14 -6.66 -16.05
N GLN F 39 -7.91 -7.72 -16.18
CA GLN F 39 -7.38 -8.97 -16.70
C GLN F 39 -7.20 -8.76 -18.21
N VAL F 40 -6.03 -9.15 -18.74
CA VAL F 40 -5.77 -9.04 -20.21
C VAL F 40 -6.37 -10.21 -20.99
N PRO F 41 -7.35 -9.95 -21.88
CA PRO F 41 -7.80 -11.03 -22.77
C PRO F 41 -6.67 -11.48 -23.73
N MET F 42 -6.59 -12.79 -23.99
CA MET F 42 -5.57 -13.40 -24.87
C MET F 42 -5.43 -12.64 -26.20
N GLU F 43 -6.56 -12.31 -26.85
CA GLU F 43 -6.56 -11.60 -28.12
C GLU F 43 -5.85 -10.26 -27.99
N LEU F 44 -6.24 -9.46 -26.98
CA LEU F 44 -5.68 -8.13 -26.76
C LEU F 44 -4.17 -8.16 -26.49
N ALA F 45 -3.73 -9.22 -25.82
CA ALA F 45 -2.31 -9.43 -25.60
C ALA F 45 -1.53 -9.64 -26.90
N GLU F 46 -2.05 -10.53 -27.75
CA GLU F 46 -1.44 -10.86 -29.04
C GLU F 46 -1.35 -9.68 -29.99
N THR F 47 -2.44 -8.93 -30.15
CA THR F 47 -2.36 -7.72 -30.98
C THR F 47 -1.44 -6.63 -30.38
N HIS F 48 -1.45 -6.47 -29.06
CA HIS F 48 -0.50 -5.56 -28.40
C HIS F 48 0.98 -5.89 -28.65
N TYR F 49 1.36 -7.16 -28.55
CA TYR F 49 2.76 -7.58 -28.76
C TYR F 49 2.92 -8.19 -30.16
N GLY F 50 2.24 -7.58 -31.13
CA GLY F 50 2.25 -8.04 -32.51
C GLY F 50 3.62 -8.14 -33.14
N GLU F 51 4.44 -7.09 -33.01
CA GLU F 51 5.79 -7.05 -33.59
C GLU F 51 6.70 -8.23 -33.25
N HIS F 52 6.47 -8.88 -32.12
CA HIS F 52 7.34 -9.99 -31.68
C HIS F 52 6.78 -11.39 -31.94
N GLN F 53 5.72 -11.52 -32.69
CA GLN F 53 5.03 -12.78 -32.97
C GLN F 53 6.02 -13.82 -33.51
N GLY F 54 7.25 -13.53 -33.80
CA GLY F 54 8.28 -14.48 -34.24
C GLY F 54 9.30 -14.93 -33.21
N LYS F 55 9.89 -13.99 -32.50
CA LYS F 55 11.01 -14.30 -31.63
C LYS F 55 10.58 -15.37 -30.60
N PRO F 56 11.48 -16.32 -30.28
CA PRO F 56 11.01 -17.48 -29.49
C PRO F 56 10.82 -17.23 -27.96
N PHE F 57 10.92 -15.97 -27.52
CA PHE F 57 10.51 -15.58 -26.16
C PHE F 57 9.03 -15.16 -26.10
N TYR F 58 8.48 -14.84 -27.27
CA TYR F 58 7.08 -14.46 -27.47
C TYR F 58 6.04 -15.20 -26.64
N ASN F 59 6.03 -16.53 -26.73
CA ASN F 59 5.04 -17.36 -26.03
C ASN F 59 5.02 -17.14 -24.53
N ASP F 60 6.19 -17.17 -23.93
CA ASP F 60 6.28 -16.98 -22.51
C ASP F 60 5.81 -15.59 -22.14
N LEU F 61 5.80 -14.68 -23.12
CA LEU F 61 5.45 -13.30 -22.86
C LEU F 61 3.95 -13.07 -22.89
N ILE F 62 3.28 -13.75 -23.80
CA ILE F 62 1.83 -13.78 -23.82
C ILE F 62 1.27 -14.45 -22.55
N SER F 63 1.88 -15.56 -22.13
CA SER F 63 1.46 -16.24 -20.89
C SER F 63 1.67 -15.35 -19.67
N PHE F 64 2.79 -14.63 -19.66
CA PHE F 64 3.08 -13.71 -18.60
C PHE F 64 2.07 -12.55 -18.49
N ILE F 65 1.77 -11.89 -19.62
CA ILE F 65 0.92 -10.71 -19.59
C ILE F 65 -0.54 -11.05 -19.35
N THR F 66 -0.87 -12.33 -19.47
CA THR F 66 -2.22 -12.84 -19.20
C THR F 66 -2.36 -13.50 -17.83
N SER F 67 -1.26 -13.63 -17.09
CA SER F 67 -1.23 -14.51 -15.89
C SER F 67 -1.79 -13.88 -14.63
N ALA F 68 -1.85 -12.54 -14.62
CA ALA F 68 -2.50 -11.80 -13.55
C ALA F 68 -2.91 -10.45 -14.10
N PRO F 69 -3.70 -9.68 -13.33
CA PRO F 69 -4.19 -8.41 -13.87
C PRO F 69 -3.06 -7.40 -14.05
N VAL F 70 -3.29 -6.41 -14.91
CA VAL F 70 -2.37 -5.31 -15.13
C VAL F 70 -3.09 -4.03 -14.78
N PHE F 71 -2.32 -2.96 -14.61
CA PHE F 71 -2.90 -1.65 -14.45
C PHE F 71 -2.51 -0.81 -15.65
N ALA F 72 -3.52 -0.53 -16.49
CA ALA F 72 -3.30 0.08 -17.79
C ALA F 72 -3.56 1.55 -17.59
N MET F 73 -2.71 2.38 -18.15
CA MET F 73 -2.80 3.82 -17.89
C MET F 73 -2.63 4.65 -19.12
N VAL F 74 -3.26 5.80 -19.12
CA VAL F 74 -2.95 6.78 -20.15
C VAL F 74 -2.51 8.02 -19.40
N VAL F 75 -1.37 8.56 -19.85
CA VAL F 75 -0.63 9.57 -19.11
C VAL F 75 -0.32 10.76 -19.98
N GLU F 76 -0.49 11.95 -19.43
CA GLU F 76 -0.42 13.16 -20.24
C GLU F 76 0.60 14.16 -19.74
N GLY F 77 1.35 14.73 -20.68
CA GLY F 77 2.31 15.75 -20.33
C GLY F 77 3.18 16.12 -21.49
N GLU F 78 3.88 17.24 -21.35
CA GLU F 78 4.77 17.66 -22.42
C GLU F 78 5.82 16.57 -22.58
N ASP F 79 6.02 16.11 -23.81
CA ASP F 79 7.08 15.14 -24.13
C ASP F 79 6.87 13.81 -23.36
N ALA F 80 5.60 13.51 -23.05
CA ALA F 80 5.20 12.34 -22.24
C ALA F 80 5.84 11.01 -22.64
N VAL F 81 5.87 10.71 -23.92
CA VAL F 81 6.38 9.43 -24.40
C VAL F 81 7.83 9.23 -23.92
N ASN F 82 8.70 10.19 -24.24
CA ASN F 82 10.10 10.10 -23.83
C ASN F 82 10.36 10.35 -22.35
N VAL F 83 9.58 11.25 -21.73
CA VAL F 83 9.71 11.45 -20.26
C VAL F 83 9.41 10.15 -19.48
N SER F 84 8.33 9.48 -19.84
CA SER F 84 8.01 8.19 -19.27
C SER F 84 9.08 7.13 -19.46
N ARG F 85 9.71 7.12 -20.62
CA ARG F 85 10.72 6.10 -20.89
C ARG F 85 11.95 6.37 -20.05
N HIS F 86 12.21 7.63 -19.82
CA HIS F 86 13.33 8.07 -19.03
C HIS F 86 13.18 7.60 -17.57
N ILE F 87 12.01 7.77 -16.96
CA ILE F 87 11.85 7.36 -15.58
C ILE F 87 11.62 5.85 -15.44
N ILE F 88 11.10 5.23 -16.50
CA ILE F 88 10.97 3.76 -16.52
C ILE F 88 12.36 3.09 -16.57
N GLY F 89 13.28 3.61 -17.39
CA GLY F 89 14.62 3.05 -17.53
C GLY F 89 14.74 2.03 -18.65
N SER F 90 15.98 1.61 -18.92
CA SER F 90 16.28 0.60 -19.96
C SER F 90 15.46 -0.68 -19.82
N THR F 91 15.31 -1.40 -20.92
CA THR F 91 14.59 -2.66 -20.95
C THR F 91 15.15 -3.65 -19.96
N ASN F 92 16.48 -3.76 -19.93
CA ASN F 92 17.13 -4.63 -18.98
C ASN F 92 17.36 -3.89 -17.66
N PRO F 93 16.68 -4.33 -16.59
CA PRO F 93 16.78 -3.65 -15.29
C PRO F 93 18.21 -3.65 -14.73
N SER F 94 19.09 -4.43 -15.37
CA SER F 94 20.52 -4.47 -15.05
C SER F 94 21.25 -3.28 -15.64
N GLU F 95 20.74 -2.73 -16.71
CA GLU F 95 21.38 -1.61 -17.33
C GLU F 95 20.64 -0.32 -16.99
N ALA F 96 19.39 -0.46 -16.55
CA ALA F 96 18.55 0.69 -16.23
C ALA F 96 19.18 1.50 -15.13
N SER F 97 19.09 2.83 -15.26
CA SER F 97 19.72 3.71 -14.28
C SER F 97 19.11 3.54 -12.88
N PRO F 98 19.95 3.48 -11.84
CA PRO F 98 19.42 3.52 -10.48
C PRO F 98 18.53 4.75 -10.33
N GLY F 99 17.43 4.63 -9.58
CA GLY F 99 16.47 5.70 -9.52
C GLY F 99 15.33 5.52 -10.48
N SER F 100 15.52 4.73 -11.53
CA SER F 100 14.43 4.52 -12.51
C SER F 100 13.57 3.40 -11.99
N ILE F 101 12.34 3.29 -12.47
CA ILE F 101 11.42 2.26 -12.00
C ILE F 101 12.04 0.87 -12.16
N ARG F 102 12.53 0.57 -13.37
CA ARG F 102 13.13 -0.75 -13.62
C ARG F 102 14.44 -0.88 -12.90
N GLY F 103 15.20 0.22 -12.86
CA GLY F 103 16.49 0.23 -12.16
C GLY F 103 16.39 -0.12 -10.68
N ASP F 104 15.34 0.40 -10.01
CA ASP F 104 15.20 0.19 -8.58
C ASP F 104 14.41 -1.08 -8.25
N LEU F 105 13.47 -1.47 -9.10
CA LEU F 105 12.48 -2.45 -8.69
C LEU F 105 12.55 -3.77 -9.45
N GLY F 106 13.19 -3.82 -10.62
CA GLY F 106 13.14 -5.01 -11.44
C GLY F 106 14.44 -5.78 -11.44
N LEU F 107 14.38 -7.05 -11.79
CA LEU F 107 15.61 -7.88 -11.82
C LEU F 107 16.00 -8.36 -13.18
N THR F 108 15.03 -8.75 -14.00
CA THR F 108 15.31 -9.40 -15.27
C THR F 108 14.46 -8.75 -16.36
N VAL F 109 14.93 -8.88 -17.59
CA VAL F 109 14.27 -8.29 -18.75
C VAL F 109 12.82 -8.79 -18.96
N GLY F 110 12.57 -10.07 -18.72
CA GLY F 110 11.22 -10.65 -18.87
C GLY F 110 10.21 -10.17 -17.81
N ARG F 111 10.76 -9.69 -16.69
CA ARG F 111 9.96 -9.26 -15.52
C ARG F 111 10.38 -7.86 -15.12
N ASN F 112 9.99 -6.86 -15.92
CA ASN F 112 10.51 -5.53 -15.75
C ASN F 112 9.45 -4.47 -15.43
N ILE F 113 8.44 -4.90 -14.66
CA ILE F 113 7.60 -4.01 -13.86
C ILE F 113 6.56 -3.21 -14.65
N ILE F 114 6.99 -2.63 -15.77
CA ILE F 114 6.18 -1.64 -16.44
C ILE F 114 6.46 -1.53 -17.94
N HIS F 115 5.41 -1.23 -18.69
CA HIS F 115 5.58 -0.94 -20.10
C HIS F 115 5.23 0.50 -20.37
N GLY F 116 5.97 1.07 -21.33
CA GLY F 116 5.71 2.40 -21.88
C GLY F 116 5.87 2.36 -23.38
N SER F 117 4.97 3.04 -24.08
CA SER F 117 5.02 3.20 -25.51
C SER F 117 6.39 3.71 -25.95
N ASP F 118 6.97 3.15 -27.00
CA ASP F 118 8.30 3.57 -27.39
C ASP F 118 8.33 4.73 -28.39
N SER F 119 7.16 5.20 -28.84
CA SER F 119 7.11 6.31 -29.77
C SER F 119 5.74 6.94 -29.77
N LEU F 120 5.65 8.11 -30.40
CA LEU F 120 4.37 8.77 -30.65
C LEU F 120 3.44 7.84 -31.39
N GLU F 121 4.01 7.08 -32.32
CA GLU F 121 3.25 6.22 -33.21
C GLU F 121 2.61 5.06 -32.46
N SER F 122 3.40 4.32 -31.71
CA SER F 122 2.88 3.24 -30.87
C SER F 122 2.04 3.76 -29.68
N ALA F 123 2.35 4.94 -29.16
CA ALA F 123 1.48 5.57 -28.17
C ALA F 123 0.06 5.64 -28.69
N GLU F 124 -0.09 6.19 -29.89
CA GLU F 124 -1.42 6.42 -30.42
C GLU F 124 -2.14 5.14 -30.82
N ARG F 125 -1.37 4.14 -31.22
CA ARG F 125 -1.85 2.80 -31.44
C ARG F 125 -2.23 2.09 -30.12
N GLU F 126 -1.33 2.08 -29.13
CA GLU F 126 -1.58 1.41 -27.86
C GLU F 126 -2.75 2.02 -27.09
N ILE F 127 -2.84 3.34 -27.09
CA ILE F 127 -3.97 4.02 -26.43
C ILE F 127 -5.32 3.58 -27.05
N ASN F 128 -5.40 3.58 -28.37
CA ASN F 128 -6.66 3.21 -29.01
C ASN F 128 -7.04 1.75 -28.82
N LEU F 129 -6.03 0.90 -28.75
CA LEU F 129 -6.22 -0.52 -28.48
C LEU F 129 -6.76 -0.81 -27.08
N TRP F 130 -6.22 -0.14 -26.06
CA TRP F 130 -6.56 -0.46 -24.67
C TRP F 130 -7.72 0.36 -24.10
N PHE F 131 -7.99 1.51 -24.71
CA PHE F 131 -8.93 2.47 -24.15
C PHE F 131 -9.87 2.99 -25.23
N ASN F 132 -11.14 3.16 -24.86
CA ASN F 132 -12.05 3.97 -25.64
C ASN F 132 -11.98 5.41 -25.12
N GLU F 133 -12.39 6.37 -25.94
CA GLU F 133 -12.24 7.80 -25.60
C GLU F 133 -13.12 8.29 -24.43
N ASN F 134 -14.12 7.48 -24.06
CA ASN F 134 -14.97 7.79 -22.92
C ASN F 134 -14.36 7.32 -21.60
N GLU F 135 -13.33 6.48 -21.69
CA GLU F 135 -12.58 6.06 -20.50
C GLU F 135 -11.44 7.02 -20.21
N ILE F 136 -11.19 7.95 -21.13
CA ILE F 136 -10.09 8.91 -20.98
C ILE F 136 -10.61 10.30 -20.63
N THR F 137 -10.26 10.76 -19.45
CA THR F 137 -10.76 12.00 -18.93
C THR F 137 -9.77 13.06 -19.35
N SER F 138 -10.07 14.26 -19.25
CA SER F 138 -9.07 15.32 -19.18
C SER F 138 -9.51 16.44 -18.24
N TYR F 139 -8.64 17.07 -17.66
CA TYR F 139 -8.95 17.99 -16.58
C TYR F 139 -7.71 18.79 -16.31
N ALA F 140 -7.95 20.04 -15.95
CA ALA F 140 -6.92 20.95 -15.54
C ALA F 140 -6.52 20.61 -14.12
N SER F 141 -5.24 20.72 -13.82
CA SER F 141 -4.72 20.48 -12.46
C SER F 141 -4.03 21.72 -11.92
N PRO F 142 -4.15 21.93 -10.60
CA PRO F 142 -3.54 23.08 -9.95
C PRO F 142 -2.04 23.25 -10.31
N ARG F 143 -1.35 22.14 -10.47
CA ARG F 143 0.07 22.21 -10.64
C ARG F 143 0.49 22.55 -12.08
N ASP F 144 -0.47 22.48 -13.02
CA ASP F 144 -0.16 22.64 -14.44
C ASP F 144 0.58 23.94 -14.71
N ALA F 145 0.16 25.01 -14.05
CA ALA F 145 0.79 26.31 -14.19
C ALA F 145 2.21 26.36 -13.59
N TRP F 146 2.57 25.33 -12.83
CA TRP F 146 3.89 25.29 -12.20
C TRP F 146 4.80 24.21 -12.77
N LEU F 147 4.27 23.43 -13.71
CA LEU F 147 5.08 22.47 -14.46
C LEU F 147 5.63 23.10 -15.76
N TYR F 148 4.85 24.03 -16.34
CA TYR F 148 5.10 24.57 -17.68
C TYR F 148 5.17 26.10 -17.72
N GLU F 149 5.93 26.61 -18.69
CA GLU F 149 6.09 28.06 -18.93
C GLU F 149 4.84 28.68 -19.56
N MET G 1 -14.73 -25.57 -33.82
CA MET G 1 -15.29 -24.62 -32.79
C MET G 1 -14.87 -25.00 -31.37
N GLU G 2 -14.68 -23.99 -30.52
CA GLU G 2 -14.15 -24.19 -29.17
C GLU G 2 -14.98 -25.17 -28.31
N ARG G 3 -14.27 -26.02 -27.59
CA ARG G 3 -14.85 -27.03 -26.76
C ARG G 3 -14.31 -26.95 -25.36
N THR G 4 -15.18 -27.28 -24.40
CA THR G 4 -14.75 -27.39 -23.01
C THR G 4 -15.32 -28.67 -22.37
N PHE G 5 -14.68 -29.09 -21.28
CA PHE G 5 -15.19 -30.20 -20.52
C PHE G 5 -15.94 -29.71 -19.30
N LEU G 6 -17.19 -30.19 -19.18
CA LEU G 6 -18.00 -29.96 -17.99
C LEU G 6 -18.34 -31.26 -17.30
N MET G 7 -18.46 -31.18 -15.98
CA MET G 7 -18.81 -32.33 -15.21
C MET G 7 -19.81 -31.99 -14.10
N ILE G 8 -20.99 -32.62 -14.15
CA ILE G 8 -21.94 -32.48 -13.05
C ILE G 8 -21.49 -33.42 -11.95
N LYS G 9 -21.22 -32.84 -10.78
CA LYS G 9 -20.62 -33.58 -9.69
C LYS G 9 -21.62 -34.45 -8.93
N PRO G 10 -21.13 -35.40 -8.10
CA PRO G 10 -22.01 -36.30 -7.36
C PRO G 10 -23.01 -35.59 -6.51
N ASP G 11 -22.64 -34.46 -5.90
CA ASP G 11 -23.61 -33.71 -5.10
C ASP G 11 -24.81 -33.38 -5.94
N ALA G 12 -24.58 -32.85 -7.14
CA ALA G 12 -25.71 -32.49 -8.02
C ALA G 12 -26.55 -33.70 -8.44
N VAL G 13 -25.87 -34.81 -8.71
CA VAL G 13 -26.52 -36.04 -9.11
C VAL G 13 -27.39 -36.58 -7.96
N GLN G 14 -26.83 -36.54 -6.76
CA GLN G 14 -27.56 -37.02 -5.57
C GLN G 14 -28.64 -36.05 -5.07
N ARG G 15 -28.65 -34.81 -5.58
CA ARG G 15 -29.70 -33.83 -5.26
C ARG G 15 -30.74 -33.75 -6.38
N ASN G 16 -30.56 -34.58 -7.42
CA ASN G 16 -31.54 -34.65 -8.49
C ASN G 16 -31.59 -33.31 -9.26
N LEU G 17 -30.41 -32.77 -9.55
CA LEU G 17 -30.29 -31.53 -10.28
C LEU G 17 -29.73 -31.69 -11.71
N ILE G 18 -29.65 -32.91 -12.22
CA ILE G 18 -28.98 -33.11 -13.51
C ILE G 18 -29.68 -32.34 -14.62
N GLY G 19 -31.00 -32.45 -14.66
CA GLY G 19 -31.80 -31.73 -15.67
C GLY G 19 -31.68 -30.23 -15.55
N GLU G 20 -31.80 -29.71 -14.33
CA GLU G 20 -31.75 -28.28 -14.05
C GLU G 20 -30.43 -27.69 -14.52
N VAL G 21 -29.35 -28.39 -14.22
CA VAL G 21 -28.03 -27.93 -14.65
C VAL G 21 -27.88 -27.96 -16.19
N ILE G 22 -28.35 -29.04 -16.81
CA ILE G 22 -28.24 -29.17 -18.26
C ILE G 22 -29.03 -28.02 -18.91
N SER G 23 -30.20 -27.72 -18.37
CA SER G 23 -31.02 -26.64 -18.91
C SER G 23 -30.31 -25.30 -18.97
N ARG G 24 -29.63 -24.94 -17.89
CA ARG G 24 -28.88 -23.71 -17.84
C ARG G 24 -27.77 -23.66 -18.86
N ILE G 25 -27.13 -24.81 -19.13
CA ILE G 25 -26.04 -24.87 -20.11
C ILE G 25 -26.59 -24.74 -21.52
N GLU G 26 -27.63 -25.52 -21.82
CA GLU G 26 -28.39 -25.49 -23.08
C GLU G 26 -28.92 -24.09 -23.47
N ARG G 27 -29.62 -23.45 -22.56
CA ARG G 27 -30.35 -22.22 -22.87
C ARG G 27 -29.37 -21.06 -23.18
N LYS G 28 -28.14 -21.20 -22.69
CA LYS G 28 -27.08 -20.22 -22.90
C LYS G 28 -26.63 -20.21 -24.35
N GLY G 29 -26.77 -21.34 -25.04
CA GLY G 29 -26.38 -21.40 -26.43
C GLY G 29 -25.28 -22.42 -26.67
N LEU G 30 -24.69 -22.92 -25.60
CA LEU G 30 -23.67 -23.95 -25.71
C LEU G 30 -24.27 -25.25 -26.22
N LYS G 31 -23.51 -25.96 -27.05
CA LYS G 31 -23.98 -27.17 -27.70
C LYS G 31 -23.45 -28.43 -27.01
N LEU G 32 -24.36 -29.27 -26.53
CA LEU G 32 -23.96 -30.56 -25.94
C LEU G 32 -23.49 -31.51 -27.04
N VAL G 33 -22.24 -31.93 -26.95
CA VAL G 33 -21.62 -32.63 -28.05
C VAL G 33 -21.08 -34.00 -27.59
N GLY G 34 -20.77 -34.10 -26.30
CA GLY G 34 -20.51 -35.37 -25.65
C GLY G 34 -21.20 -35.35 -24.29
N GLY G 35 -21.79 -36.46 -23.90
CA GLY G 35 -22.39 -36.55 -22.55
C GLY G 35 -22.57 -37.99 -22.11
N LYS G 36 -22.17 -38.29 -20.87
CA LYS G 36 -22.34 -39.65 -20.36
C LYS G 36 -22.38 -39.72 -18.85
N LEU G 37 -23.36 -40.45 -18.32
CA LEU G 37 -23.41 -40.75 -16.90
C LEU G 37 -22.45 -41.89 -16.59
N MET G 38 -21.53 -41.66 -15.67
CA MET G 38 -20.53 -42.67 -15.32
C MET G 38 -20.14 -42.68 -13.85
N GLN G 39 -19.81 -43.88 -13.37
CA GLN G 39 -19.05 -44.02 -12.15
C GLN G 39 -17.61 -43.65 -12.52
N VAL G 40 -16.93 -42.79 -11.73
CA VAL G 40 -15.57 -42.40 -12.05
C VAL G 40 -14.56 -43.31 -11.34
N PRO G 41 -13.75 -44.07 -12.12
CA PRO G 41 -12.72 -44.95 -11.55
C PRO G 41 -11.62 -44.20 -10.79
N MET G 42 -11.05 -44.94 -9.79
CA MET G 42 -9.92 -44.48 -8.98
C MET G 42 -8.84 -43.84 -9.85
N GLU G 43 -8.20 -44.62 -10.73
CA GLU G 43 -7.19 -44.20 -11.69
C GLU G 43 -7.56 -42.87 -12.32
N LEU G 44 -8.76 -42.67 -12.82
CA LEU G 44 -9.15 -41.52 -13.64
C LEU G 44 -9.45 -40.31 -12.75
N ALA G 45 -9.81 -40.40 -11.51
CA ALA G 45 -10.05 -39.26 -10.58
C ALA G 45 -8.73 -38.60 -10.18
N GLU G 46 -7.75 -39.43 -9.84
CA GLU G 46 -6.44 -38.96 -9.39
C GLU G 46 -5.68 -38.22 -10.49
N THR G 47 -5.67 -38.75 -11.71
CA THR G 47 -5.05 -38.02 -12.82
C THR G 47 -5.80 -36.74 -13.18
N HIS G 48 -7.14 -36.76 -13.12
CA HIS G 48 -7.93 -35.54 -13.35
C HIS G 48 -7.59 -34.48 -12.31
N TYR G 49 -7.52 -34.93 -11.06
CA TYR G 49 -7.11 -34.10 -9.94
C TYR G 49 -5.64 -34.38 -9.64
N GLY G 50 -4.81 -34.00 -10.61
CA GLY G 50 -3.36 -34.15 -10.51
C GLY G 50 -2.81 -32.93 -9.82
N GLU G 51 -3.32 -31.76 -10.25
CA GLU G 51 -2.99 -30.42 -9.72
C GLU G 51 -2.77 -30.43 -8.22
N HIS G 52 -3.85 -30.31 -7.47
CA HIS G 52 -3.75 -30.30 -6.02
C HIS G 52 -3.65 -31.71 -5.46
N GLN G 53 -2.51 -32.40 -5.63
CA GLN G 53 -2.24 -33.71 -5.00
C GLN G 53 -1.46 -33.56 -3.68
N GLY G 54 -1.10 -32.31 -3.40
CA GLY G 54 -0.45 -31.97 -2.14
C GLY G 54 -1.36 -31.37 -1.08
N LYS G 55 -2.14 -30.37 -1.37
CA LYS G 55 -2.95 -29.50 -0.53
C LYS G 55 -3.67 -30.30 0.56
N PRO G 56 -4.42 -29.46 1.52
CA PRO G 56 -5.29 -30.17 2.49
C PRO G 56 -6.44 -30.90 1.80
N PHE G 57 -7.25 -30.14 1.04
CA PHE G 57 -8.46 -30.62 0.36
C PHE G 57 -8.17 -31.48 -0.88
N TYR G 58 -7.41 -32.56 -0.69
CA TYR G 58 -7.20 -33.54 -1.76
C TYR G 58 -7.93 -34.86 -1.52
N ASN G 59 -7.62 -35.53 -0.42
CA ASN G 59 -8.20 -36.84 -0.12
C ASN G 59 -9.74 -36.89 -0.15
N ASP G 60 -10.36 -35.85 0.41
CA ASP G 60 -11.81 -35.72 0.42
C ASP G 60 -12.33 -35.21 -0.92
N LEU G 61 -11.40 -34.83 -1.81
CA LEU G 61 -11.69 -34.44 -3.19
C LEU G 61 -11.26 -35.50 -4.19
N ILE G 62 -11.10 -36.73 -3.67
CA ILE G 62 -11.01 -37.95 -4.46
C ILE G 62 -12.12 -38.90 -3.99
N SER G 63 -12.30 -38.96 -2.66
CA SER G 63 -13.43 -39.71 -2.12
C SER G 63 -14.76 -39.24 -2.70
N PHE G 64 -14.95 -37.91 -2.63
CA PHE G 64 -16.18 -37.28 -3.07
C PHE G 64 -16.50 -37.56 -4.55
N ILE G 65 -15.50 -37.38 -5.41
CA ILE G 65 -15.73 -37.50 -6.85
C ILE G 65 -15.92 -38.97 -7.28
N THR G 66 -15.58 -39.90 -6.39
CA THR G 66 -15.82 -41.33 -6.62
C THR G 66 -17.07 -41.89 -5.91
N SER G 67 -17.69 -41.08 -5.04
CA SER G 67 -18.76 -41.54 -4.14
C SER G 67 -20.11 -41.85 -4.81
N ALA G 68 -20.35 -41.24 -5.97
CA ALA G 68 -21.57 -41.47 -6.74
C ALA G 68 -21.24 -41.15 -8.18
N PRO G 69 -22.14 -41.47 -9.13
CA PRO G 69 -21.88 -41.13 -10.52
C PRO G 69 -21.86 -39.64 -10.81
N VAL G 70 -21.18 -39.30 -11.91
CA VAL G 70 -21.14 -37.93 -12.41
C VAL G 70 -21.70 -37.95 -13.81
N PHE G 71 -21.99 -36.75 -14.32
CA PHE G 71 -22.37 -36.61 -15.70
C PHE G 71 -21.32 -35.77 -16.37
N ALA G 72 -20.55 -36.44 -17.22
CA ALA G 72 -19.41 -35.85 -17.86
C ALA G 72 -19.88 -35.33 -19.20
N MET G 73 -19.52 -34.09 -19.51
CA MET G 73 -19.98 -33.48 -20.75
C MET G 73 -18.85 -32.86 -21.55
N VAL G 74 -19.01 -32.88 -22.86
CA VAL G 74 -18.23 -32.02 -23.72
C VAL G 74 -19.24 -31.03 -24.34
N VAL G 75 -18.85 -29.77 -24.34
CA VAL G 75 -19.73 -28.69 -24.76
C VAL G 75 -18.99 -27.81 -25.79
N GLU G 76 -19.68 -27.45 -26.88
CA GLU G 76 -19.05 -26.67 -27.93
C GLU G 76 -19.77 -25.34 -28.14
N GLY G 77 -18.95 -24.31 -28.47
CA GLY G 77 -19.46 -22.98 -28.72
C GLY G 77 -18.33 -21.96 -28.77
N GLU G 78 -18.61 -20.82 -29.39
CA GLU G 78 -17.63 -19.75 -29.41
C GLU G 78 -17.31 -19.35 -27.98
N ASP G 79 -16.01 -19.28 -27.68
CA ASP G 79 -15.50 -18.90 -26.36
C ASP G 79 -16.02 -19.85 -25.21
N ALA G 80 -16.27 -21.10 -25.57
CA ALA G 80 -16.94 -22.05 -24.66
C ALA G 80 -16.32 -22.11 -23.24
N VAL G 81 -14.99 -22.09 -23.18
CA VAL G 81 -14.31 -22.28 -21.91
C VAL G 81 -14.72 -21.18 -20.97
N ASN G 82 -14.59 -19.94 -21.39
CA ASN G 82 -14.92 -18.82 -20.53
C ASN G 82 -16.41 -18.59 -20.34
N VAL G 83 -17.21 -18.87 -21.37
CA VAL G 83 -18.66 -18.78 -21.28
C VAL G 83 -19.21 -19.73 -20.20
N SER G 84 -18.75 -20.98 -20.21
CA SER G 84 -19.12 -21.94 -19.18
C SER G 84 -18.74 -21.48 -17.76
N ARG G 85 -17.54 -20.95 -17.60
CA ARG G 85 -17.09 -20.48 -16.28
C ARG G 85 -17.93 -19.31 -15.75
N HIS G 86 -18.38 -18.50 -16.69
CA HIS G 86 -19.21 -17.35 -16.39
C HIS G 86 -20.58 -17.81 -15.88
N ILE G 87 -21.23 -18.75 -16.55
CA ILE G 87 -22.53 -19.23 -16.02
C ILE G 87 -22.42 -20.17 -14.82
N ILE G 88 -21.28 -20.88 -14.69
CA ILE G 88 -21.03 -21.76 -13.54
C ILE G 88 -20.86 -20.92 -12.27
N GLY G 89 -20.11 -19.83 -12.34
CA GLY G 89 -19.88 -18.98 -11.18
C GLY G 89 -18.58 -19.27 -10.46
N SER G 90 -18.21 -18.39 -9.53
CA SER G 90 -17.03 -18.54 -8.67
C SER G 90 -16.94 -19.89 -7.97
N THR G 91 -15.72 -20.28 -7.60
CA THR G 91 -15.47 -21.56 -6.90
C THR G 91 -16.27 -21.68 -5.61
N ASN G 92 -16.29 -20.59 -4.84
CA ASN G 92 -17.08 -20.51 -3.63
C ASN G 92 -18.51 -20.01 -3.91
N PRO G 93 -19.51 -20.90 -3.75
CA PRO G 93 -20.89 -20.60 -4.11
C PRO G 93 -21.51 -19.46 -3.29
N SER G 94 -20.76 -18.91 -2.32
CA SER G 94 -21.27 -17.74 -1.60
C SER G 94 -20.58 -16.46 -2.07
N GLU G 95 -19.71 -16.62 -3.05
CA GLU G 95 -19.18 -15.47 -3.79
C GLU G 95 -19.76 -15.47 -5.20
N ALA G 96 -20.19 -16.66 -5.65
CA ALA G 96 -20.66 -16.82 -7.03
C ALA G 96 -21.90 -15.98 -7.19
N SER G 97 -22.00 -15.35 -8.35
CA SER G 97 -23.10 -14.47 -8.65
C SER G 97 -24.46 -15.20 -8.60
N PRO G 98 -25.45 -14.57 -7.96
CA PRO G 98 -26.81 -15.11 -8.06
C PRO G 98 -27.22 -15.22 -9.53
N GLY G 99 -27.87 -16.31 -9.92
CA GLY G 99 -28.13 -16.57 -11.31
C GLY G 99 -27.16 -17.54 -11.95
N SER G 100 -25.99 -17.72 -11.36
CA SER G 100 -25.07 -18.72 -11.88
C SER G 100 -25.44 -20.04 -11.25
N ILE G 101 -24.98 -21.12 -11.86
CA ILE G 101 -25.26 -22.44 -11.35
C ILE G 101 -24.85 -22.56 -9.86
N ARG G 102 -23.60 -22.20 -9.53
CA ARG G 102 -23.11 -22.35 -8.14
C ARG G 102 -23.76 -21.32 -7.22
N GLY G 103 -23.97 -20.12 -7.73
CA GLY G 103 -24.65 -19.10 -6.94
C GLY G 103 -26.08 -19.46 -6.56
N ASP G 104 -26.80 -20.15 -7.45
CA ASP G 104 -28.17 -20.54 -7.18
C ASP G 104 -28.30 -21.85 -6.46
N LEU G 105 -27.43 -22.80 -6.77
CA LEU G 105 -27.66 -24.17 -6.31
C LEU G 105 -26.71 -24.68 -5.22
N GLY G 106 -25.52 -24.10 -5.10
CA GLY G 106 -24.51 -24.68 -4.21
C GLY G 106 -24.33 -23.91 -2.91
N LEU G 107 -23.86 -24.60 -1.89
CA LEU G 107 -23.65 -23.99 -0.59
C LEU G 107 -22.20 -23.79 -0.18
N THR G 108 -21.36 -24.79 -0.45
CA THR G 108 -19.98 -24.80 0.03
C THR G 108 -19.04 -25.16 -1.11
N VAL G 109 -17.80 -24.68 -0.98
CA VAL G 109 -16.78 -24.82 -2.01
C VAL G 109 -16.51 -26.28 -2.37
N GLY G 110 -16.42 -27.17 -1.37
CA GLY G 110 -16.26 -28.62 -1.60
C GLY G 110 -17.44 -29.31 -2.30
N ARG G 111 -18.63 -28.71 -2.22
CA ARG G 111 -19.82 -29.28 -2.83
C ARG G 111 -20.46 -28.28 -3.80
N ASN G 112 -19.73 -28.01 -4.88
CA ASN G 112 -20.15 -26.94 -5.78
C ASN G 112 -20.72 -27.36 -7.15
N ILE G 113 -21.47 -28.47 -7.18
CA ILE G 113 -22.41 -28.78 -8.26
C ILE G 113 -21.77 -29.24 -9.58
N ILE G 114 -20.79 -28.48 -10.06
CA ILE G 114 -20.31 -28.65 -11.41
C ILE G 114 -18.87 -28.21 -11.58
N HIS G 115 -18.15 -28.93 -12.44
CA HIS G 115 -16.81 -28.55 -12.83
C HIS G 115 -16.79 -28.06 -14.29
N GLY G 116 -16.00 -27.02 -14.55
CA GLY G 116 -15.66 -26.60 -15.90
C GLY G 116 -14.16 -26.40 -16.04
N SER G 117 -13.59 -26.80 -17.18
CA SER G 117 -12.17 -26.57 -17.50
C SER G 117 -11.82 -25.09 -17.32
N ASP G 118 -10.67 -24.81 -16.71
CA ASP G 118 -10.33 -23.41 -16.43
C ASP G 118 -9.54 -22.71 -17.56
N SER G 119 -9.20 -23.46 -18.61
CA SER G 119 -8.45 -22.90 -19.73
C SER G 119 -8.54 -23.79 -20.94
N LEU G 120 -8.11 -23.24 -22.07
CA LEU G 120 -8.03 -23.99 -23.33
C LEU G 120 -7.16 -25.24 -23.16
N GLU G 121 -6.05 -25.07 -22.44
CA GLU G 121 -5.08 -26.13 -22.22
C GLU G 121 -5.69 -27.28 -21.43
N SER G 122 -6.27 -26.96 -20.26
CA SER G 122 -6.96 -27.97 -19.45
C SER G 122 -8.24 -28.50 -20.12
N ALA G 123 -8.91 -27.69 -20.93
CA ALA G 123 -10.02 -28.20 -21.72
C ALA G 123 -9.61 -29.38 -22.61
N GLU G 124 -8.58 -29.17 -23.44
CA GLU G 124 -8.01 -30.19 -24.32
C GLU G 124 -7.53 -31.40 -23.53
N ARG G 125 -6.90 -31.19 -22.40
CA ARG G 125 -6.41 -32.27 -21.55
C ARG G 125 -7.57 -33.06 -20.92
N GLU G 126 -8.52 -32.36 -20.30
CA GLU G 126 -9.68 -33.00 -19.67
C GLU G 126 -10.56 -33.75 -20.68
N ILE G 127 -10.75 -33.15 -21.87
CA ILE G 127 -11.59 -33.82 -22.89
C ILE G 127 -10.97 -35.16 -23.29
N ASN G 128 -9.66 -35.18 -23.54
CA ASN G 128 -8.98 -36.38 -23.99
C ASN G 128 -8.91 -37.44 -22.91
N LEU G 129 -8.88 -36.98 -21.67
CA LEU G 129 -8.85 -37.87 -20.52
C LEU G 129 -10.19 -38.60 -20.35
N TRP G 130 -11.29 -37.87 -20.44
CA TRP G 130 -12.62 -38.43 -20.11
C TRP G 130 -13.35 -39.06 -21.29
N PHE G 131 -12.96 -38.68 -22.50
CA PHE G 131 -13.68 -39.08 -23.69
C PHE G 131 -12.71 -39.55 -24.74
N ASN G 132 -13.16 -40.54 -25.51
CA ASN G 132 -12.53 -40.89 -26.77
C ASN G 132 -13.22 -40.16 -27.92
N GLU G 133 -12.51 -40.12 -29.03
CA GLU G 133 -12.89 -39.34 -30.21
C GLU G 133 -14.28 -39.73 -30.69
N ASN G 134 -14.62 -41.01 -30.55
CA ASN G 134 -15.84 -41.62 -31.11
C ASN G 134 -17.06 -41.47 -30.22
N GLU G 135 -16.85 -40.97 -29.00
CA GLU G 135 -17.96 -40.66 -28.08
C GLU G 135 -18.38 -39.23 -28.24
N ILE G 136 -17.62 -38.46 -29.02
CA ILE G 136 -17.91 -37.04 -29.22
C ILE G 136 -18.51 -36.82 -30.59
N THR G 137 -19.74 -36.36 -30.56
CA THR G 137 -20.48 -36.18 -31.78
C THR G 137 -20.34 -34.79 -32.33
N SER G 138 -21.05 -34.62 -33.41
CA SER G 138 -20.78 -33.56 -34.30
C SER G 138 -22.02 -33.30 -35.07
N TYR G 139 -22.53 -32.09 -34.97
CA TYR G 139 -23.74 -31.82 -35.67
C TYR G 139 -24.07 -30.35 -35.70
N ALA G 140 -24.66 -29.95 -36.82
CA ALA G 140 -25.21 -28.61 -37.00
C ALA G 140 -26.54 -28.54 -36.26
N SER G 141 -26.87 -27.37 -35.72
CA SER G 141 -28.16 -27.22 -35.06
C SER G 141 -28.89 -26.04 -35.63
N PRO G 142 -30.24 -26.12 -35.72
CA PRO G 142 -31.08 -25.07 -36.27
C PRO G 142 -30.73 -23.65 -35.73
N ARG G 143 -30.36 -23.57 -34.45
CA ARG G 143 -30.15 -22.31 -33.77
C ARG G 143 -28.77 -21.71 -34.03
N ASP G 144 -27.84 -22.52 -34.53
CA ASP G 144 -26.46 -22.06 -34.80
C ASP G 144 -26.44 -20.73 -35.61
N ALA G 145 -27.28 -20.62 -36.63
CA ALA G 145 -27.34 -19.42 -37.45
C ALA G 145 -27.88 -18.20 -36.69
N TRP G 146 -28.46 -18.44 -35.53
CA TRP G 146 -29.07 -17.39 -34.72
C TRP G 146 -28.26 -17.07 -33.45
N LEU G 147 -27.26 -17.90 -33.16
CA LEU G 147 -26.32 -17.61 -32.08
C LEU G 147 -25.13 -16.77 -32.55
N TYR G 148 -24.71 -16.99 -33.79
CA TYR G 148 -23.52 -16.32 -34.33
C TYR G 148 -23.80 -15.51 -35.62
N GLU G 149 -22.89 -14.59 -35.94
CA GLU G 149 -22.98 -13.68 -37.11
C GLU G 149 -23.63 -14.19 -38.40
N MET H 1 -25.74 -25.74 14.11
CA MET H 1 -25.47 -25.10 12.79
C MET H 1 -26.12 -23.73 12.69
N GLU H 2 -25.44 -22.80 12.01
CA GLU H 2 -25.87 -21.41 11.92
C GLU H 2 -27.30 -21.28 11.40
N ARG H 3 -28.04 -20.33 11.98
CA ARG H 3 -29.41 -20.06 11.63
C ARG H 3 -29.59 -18.58 11.34
N THR H 4 -30.53 -18.25 10.47
CA THR H 4 -30.93 -16.86 10.30
C THR H 4 -32.47 -16.73 10.27
N PHE H 5 -32.96 -15.51 10.46
CA PHE H 5 -34.37 -15.23 10.36
C PHE H 5 -34.67 -14.57 9.01
N LEU H 6 -35.60 -15.21 8.28
CA LEU H 6 -36.12 -14.67 7.03
C LEU H 6 -37.59 -14.36 7.15
N MET H 7 -38.04 -13.37 6.37
CA MET H 7 -39.45 -13.00 6.35
C MET H 7 -39.89 -12.53 4.96
N ILE H 8 -40.84 -13.28 4.40
CA ILE H 8 -41.45 -12.88 3.16
C ILE H 8 -42.48 -11.80 3.48
N LYS H 9 -42.28 -10.64 2.89
CA LYS H 9 -43.05 -9.45 3.25
C LYS H 9 -44.42 -9.39 2.59
N PRO H 10 -45.32 -8.51 3.05
CA PRO H 10 -46.68 -8.48 2.52
C PRO H 10 -46.76 -8.25 1.03
N ASP H 11 -45.81 -7.49 0.46
CA ASP H 11 -45.81 -7.29 -0.99
C ASP H 11 -45.67 -8.62 -1.70
N ALA H 12 -44.74 -9.45 -1.24
CA ALA H 12 -44.57 -10.74 -1.86
C ALA H 12 -45.81 -11.61 -1.68
N VAL H 13 -46.41 -11.58 -0.49
CA VAL H 13 -47.60 -12.39 -0.17
C VAL H 13 -48.77 -11.95 -1.05
N GLN H 14 -48.97 -10.65 -1.15
CA GLN H 14 -50.03 -10.10 -1.98
C GLN H 14 -49.77 -10.18 -3.49
N ARG H 15 -48.53 -10.48 -3.88
CA ARG H 15 -48.24 -10.75 -5.29
C ARG H 15 -48.18 -12.25 -5.60
N ASN H 16 -48.45 -13.08 -4.60
CA ASN H 16 -48.53 -14.53 -4.81
C ASN H 16 -47.15 -15.12 -5.14
N LEU H 17 -46.16 -14.67 -4.40
CA LEU H 17 -44.81 -15.09 -4.67
C LEU H 17 -44.24 -15.95 -3.57
N ILE H 18 -45.09 -16.42 -2.66
CA ILE H 18 -44.60 -17.19 -1.52
C ILE H 18 -43.77 -18.42 -1.95
N GLY H 19 -44.37 -19.26 -2.81
CA GLY H 19 -43.73 -20.43 -3.38
C GLY H 19 -42.42 -20.12 -4.09
N GLU H 20 -42.46 -19.14 -4.99
CA GLU H 20 -41.30 -18.77 -5.79
C GLU H 20 -40.14 -18.40 -4.87
N VAL H 21 -40.44 -17.62 -3.84
CA VAL H 21 -39.41 -17.19 -2.90
C VAL H 21 -38.86 -18.36 -2.07
N ILE H 22 -39.75 -19.22 -1.60
CA ILE H 22 -39.29 -20.39 -0.85
C ILE H 22 -38.40 -21.31 -1.74
N SER H 23 -38.79 -21.52 -2.99
CA SER H 23 -38.00 -22.32 -3.92
C SER H 23 -36.56 -21.84 -4.06
N ARG H 24 -36.37 -20.54 -4.17
CA ARG H 24 -35.03 -19.94 -4.29
C ARG H 24 -34.18 -20.20 -3.06
N ILE H 25 -34.80 -20.08 -1.88
CA ILE H 25 -34.13 -20.38 -0.62
C ILE H 25 -33.77 -21.86 -0.59
N GLU H 26 -34.75 -22.72 -0.85
CA GLU H 26 -34.60 -24.18 -0.76
C GLU H 26 -33.51 -24.71 -1.67
N ARG H 27 -33.56 -24.29 -2.93
CA ARG H 27 -32.67 -24.83 -3.95
C ARG H 27 -31.22 -24.45 -3.65
N LYS H 28 -31.02 -23.36 -2.91
CA LYS H 28 -29.69 -22.90 -2.49
C LYS H 28 -29.04 -23.88 -1.50
N GLY H 29 -29.83 -24.67 -0.79
CA GLY H 29 -29.29 -25.63 0.15
C GLY H 29 -29.67 -25.31 1.61
N LEU H 30 -30.26 -24.14 1.80
CA LEU H 30 -30.60 -23.73 3.11
C LEU H 30 -31.74 -24.60 3.57
N LYS H 31 -31.72 -24.96 4.85
CA LYS H 31 -32.75 -25.84 5.39
C LYS H 31 -33.86 -25.04 6.10
N LEU H 32 -35.10 -25.19 5.65
CA LEU H 32 -36.26 -24.59 6.35
C LEU H 32 -36.54 -25.34 7.63
N VAL H 33 -36.41 -24.63 8.74
CA VAL H 33 -36.39 -25.24 10.07
C VAL H 33 -37.50 -24.68 11.00
N GLY H 34 -37.93 -23.45 10.72
CA GLY H 34 -39.14 -22.88 11.27
C GLY H 34 -39.81 -22.05 10.21
N GLY H 35 -41.13 -22.07 10.17
CA GLY H 35 -41.90 -21.39 9.14
C GLY H 35 -43.37 -21.26 9.53
N LYS H 36 -43.91 -20.05 9.38
CA LYS H 36 -45.30 -19.81 9.68
C LYS H 36 -45.84 -18.56 8.99
N LEU H 37 -47.09 -18.68 8.51
CA LEU H 37 -47.85 -17.57 7.97
C LEU H 37 -48.53 -16.86 9.11
N MET H 38 -48.27 -15.56 9.27
CA MET H 38 -48.87 -14.80 10.38
C MET H 38 -49.19 -13.36 10.05
N GLN H 39 -50.30 -12.89 10.63
CA GLN H 39 -50.56 -11.47 10.75
C GLN H 39 -49.60 -10.89 11.78
N VAL H 40 -49.04 -9.71 11.49
CA VAL H 40 -48.04 -9.09 12.35
C VAL H 40 -48.66 -8.13 13.39
N PRO H 41 -48.59 -8.50 14.69
CA PRO H 41 -49.15 -7.56 15.67
C PRO H 41 -48.36 -6.26 15.72
N MET H 42 -49.12 -5.18 15.84
CA MET H 42 -48.61 -3.82 16.06
C MET H 42 -47.49 -3.84 17.10
N GLU H 43 -47.68 -4.59 18.16
CA GLU H 43 -46.75 -4.82 19.25
C GLU H 43 -45.41 -5.32 18.73
N LEU H 44 -45.35 -6.36 17.95
CA LEU H 44 -44.13 -7.02 17.51
C LEU H 44 -43.40 -6.21 16.43
N ALA H 45 -44.09 -5.66 15.45
CA ALA H 45 -43.53 -4.87 14.34
C ALA H 45 -42.59 -3.75 14.81
N GLU H 46 -43.04 -3.01 15.80
CA GLU H 46 -42.26 -1.90 16.41
C GLU H 46 -40.94 -2.33 17.07
N THR H 47 -41.00 -3.40 17.88
CA THR H 47 -39.76 -3.94 18.43
C THR H 47 -38.84 -4.59 17.37
N HIS H 48 -39.40 -5.26 16.36
CA HIS H 48 -38.59 -5.76 15.23
C HIS H 48 -37.90 -4.62 14.50
N TYR H 49 -38.67 -3.54 14.28
CA TYR H 49 -38.23 -2.32 13.62
C TYR H 49 -37.81 -1.26 14.63
N GLY H 50 -36.95 -1.66 15.59
CA GLY H 50 -36.51 -0.80 16.69
C GLY H 50 -35.53 0.29 16.29
N GLU H 51 -34.44 -0.06 15.63
CA GLU H 51 -33.47 0.97 15.16
C GLU H 51 -34.18 2.22 14.62
N HIS H 52 -35.04 2.09 13.63
CA HIS H 52 -35.58 3.15 12.80
C HIS H 52 -36.70 3.90 13.50
N GLN H 53 -36.93 3.86 14.74
CA GLN H 53 -37.94 4.70 15.43
C GLN H 53 -37.66 6.20 15.29
N GLY H 54 -36.68 6.54 14.44
CA GLY H 54 -36.35 7.94 14.12
C GLY H 54 -36.70 8.42 12.72
N LYS H 55 -36.24 7.75 11.67
CA LYS H 55 -36.46 8.30 10.33
C LYS H 55 -37.96 8.49 10.04
N PRO H 56 -38.27 9.42 9.13
CA PRO H 56 -39.67 9.71 8.78
C PRO H 56 -40.34 8.53 8.10
N PHE H 57 -39.61 7.86 7.19
CA PHE H 57 -40.07 6.64 6.50
C PHE H 57 -40.75 5.68 7.48
N TYR H 58 -40.06 5.38 8.59
CA TYR H 58 -40.49 4.49 9.69
C TYR H 58 -41.98 4.17 9.74
N ASN H 59 -42.81 5.21 9.83
CA ASN H 59 -44.25 5.04 9.96
C ASN H 59 -44.90 4.25 8.86
N ASP H 60 -44.63 4.68 7.62
CA ASP H 60 -45.06 3.94 6.44
C ASP H 60 -44.73 2.45 6.57
N LEU H 61 -43.48 2.15 7.00
CA LEU H 61 -42.96 0.79 7.15
C LEU H 61 -43.82 -0.03 8.11
N ILE H 62 -43.97 0.43 9.33
CA ILE H 62 -44.84 -0.22 10.32
C ILE H 62 -46.24 -0.50 9.74
N SER H 63 -46.79 0.48 9.01
CA SER H 63 -48.10 0.37 8.32
C SER H 63 -48.08 -0.60 7.12
N PHE H 64 -46.90 -0.82 6.54
CA PHE H 64 -46.73 -1.80 5.50
C PHE H 64 -46.58 -3.21 6.06
N ILE H 65 -45.77 -3.38 7.10
CA ILE H 65 -45.48 -4.72 7.60
C ILE H 65 -46.67 -5.30 8.39
N THR H 66 -47.64 -4.44 8.72
CA THR H 66 -48.87 -4.88 9.38
C THR H 66 -50.07 -4.99 8.44
N SER H 67 -49.90 -4.62 7.17
CA SER H 67 -51.00 -4.48 6.22
C SER H 67 -51.55 -5.78 5.61
N ALA H 68 -50.73 -6.83 5.60
CA ALA H 68 -51.16 -8.14 5.21
C ALA H 68 -50.26 -9.15 5.93
N PRO H 69 -50.57 -10.47 5.81
CA PRO H 69 -49.74 -11.45 6.51
C PRO H 69 -48.35 -11.57 5.90
N VAL H 70 -47.44 -12.14 6.69
CA VAL H 70 -46.05 -12.33 6.26
C VAL H 70 -45.78 -13.77 6.47
N PHE H 71 -44.70 -14.25 5.87
CA PHE H 71 -44.24 -15.61 6.09
C PHE H 71 -42.90 -15.58 6.76
N ALA H 72 -42.91 -15.90 8.04
CA ALA H 72 -41.72 -15.81 8.87
C ALA H 72 -41.06 -17.17 8.85
N MET H 73 -39.75 -17.12 8.71
CA MET H 73 -38.95 -18.34 8.54
C MET H 73 -37.70 -18.30 9.38
N VAL H 74 -37.33 -19.48 9.87
CA VAL H 74 -36.01 -19.71 10.40
C VAL H 74 -35.36 -20.73 9.46
N VAL H 75 -34.13 -20.44 9.06
CA VAL H 75 -33.45 -21.19 8.02
C VAL H 75 -32.06 -21.52 8.52
N GLU H 76 -31.60 -22.73 8.25
CA GLU H 76 -30.37 -23.24 8.84
C GLU H 76 -29.38 -23.79 7.82
N GLY H 77 -28.12 -23.38 7.97
CA GLY H 77 -27.07 -23.79 7.03
C GLY H 77 -25.73 -23.15 7.37
N GLU H 78 -24.65 -23.77 6.94
CA GLU H 78 -23.33 -23.16 7.12
C GLU H 78 -23.35 -21.75 6.53
N ASP H 79 -22.95 -20.76 7.34
CA ASP H 79 -22.85 -19.36 6.91
C ASP H 79 -24.24 -18.81 6.43
N ALA H 80 -25.31 -19.32 7.04
CA ALA H 80 -26.70 -19.01 6.66
C ALA H 80 -27.01 -17.50 6.54
N VAL H 81 -26.50 -16.72 7.47
CA VAL H 81 -26.82 -15.31 7.54
C VAL H 81 -26.33 -14.64 6.25
N ASN H 82 -25.06 -14.85 5.91
CA ASN H 82 -24.48 -14.22 4.72
C ASN H 82 -24.93 -14.88 3.40
N VAL H 83 -25.06 -16.20 3.40
CA VAL H 83 -25.65 -16.91 2.26
C VAL H 83 -27.04 -16.34 1.92
N SER H 84 -27.88 -16.16 2.92
CA SER H 84 -29.23 -15.62 2.67
C SER H 84 -29.20 -14.22 2.10
N ARG H 85 -28.34 -13.37 2.62
CA ARG H 85 -28.24 -11.99 2.16
C ARG H 85 -27.72 -11.92 0.74
N HIS H 86 -26.92 -12.91 0.36
CA HIS H 86 -26.34 -12.97 -0.97
C HIS H 86 -27.43 -13.28 -2.00
N ILE H 87 -28.25 -14.29 -1.72
CA ILE H 87 -29.33 -14.64 -2.65
C ILE H 87 -30.48 -13.64 -2.63
N ILE H 88 -30.70 -12.99 -1.48
CA ILE H 88 -31.72 -11.94 -1.36
C ILE H 88 -31.37 -10.74 -2.24
N GLY H 89 -30.16 -10.20 -2.08
CA GLY H 89 -29.67 -9.11 -2.89
C GLY H 89 -29.71 -7.80 -2.13
N SER H 90 -29.18 -6.77 -2.77
CA SER H 90 -29.11 -5.41 -2.21
C SER H 90 -30.46 -4.87 -1.74
N THR H 91 -30.42 -3.93 -0.79
CA THR H 91 -31.64 -3.33 -0.23
C THR H 91 -32.49 -2.71 -1.33
N ASN H 92 -31.83 -2.00 -2.24
CA ASN H 92 -32.49 -1.45 -3.42
C ASN H 92 -32.53 -2.48 -4.58
N PRO H 93 -33.73 -2.95 -4.93
CA PRO H 93 -33.89 -3.97 -5.96
C PRO H 93 -33.46 -3.54 -7.36
N SER H 94 -33.31 -2.23 -7.58
CA SER H 94 -32.70 -1.80 -8.83
C SER H 94 -31.16 -1.88 -8.84
N GLU H 95 -30.50 -2.00 -7.66
CA GLU H 95 -29.03 -2.27 -7.50
C GLU H 95 -28.75 -3.76 -7.31
N ALA H 96 -29.79 -4.50 -6.89
CA ALA H 96 -29.63 -5.91 -6.53
C ALA H 96 -29.26 -6.68 -7.78
N SER H 97 -28.39 -7.66 -7.62
CA SER H 97 -27.95 -8.42 -8.76
C SER H 97 -29.14 -9.16 -9.41
N PRO H 98 -29.18 -9.14 -10.74
CA PRO H 98 -30.09 -10.05 -11.45
C PRO H 98 -29.85 -11.48 -10.97
N GLY H 99 -30.92 -12.24 -10.77
CA GLY H 99 -30.80 -13.59 -10.25
C GLY H 99 -31.02 -13.65 -8.75
N SER H 100 -30.88 -12.51 -8.06
CA SER H 100 -31.25 -12.47 -6.63
C SER H 100 -32.76 -12.26 -6.50
N ILE H 101 -33.30 -12.65 -5.36
CA ILE H 101 -34.70 -12.47 -5.08
C ILE H 101 -35.16 -11.04 -5.40
N ARG H 102 -34.56 -10.06 -4.72
CA ARG H 102 -34.93 -8.65 -4.93
C ARG H 102 -34.58 -8.21 -6.38
N GLY H 103 -33.44 -8.68 -6.89
CA GLY H 103 -33.02 -8.30 -8.24
C GLY H 103 -34.01 -8.75 -9.32
N ASP H 104 -34.63 -9.92 -9.15
CA ASP H 104 -35.57 -10.44 -10.15
C ASP H 104 -37.00 -10.02 -9.89
N LEU H 105 -37.37 -9.88 -8.60
CA LEU H 105 -38.79 -9.76 -8.26
C LEU H 105 -39.26 -8.40 -7.74
N GLY H 106 -38.34 -7.57 -7.22
CA GLY H 106 -38.73 -6.32 -6.56
C GLY H 106 -38.44 -5.10 -7.40
N LEU H 107 -39.15 -4.00 -7.07
CA LEU H 107 -38.98 -2.73 -7.82
C LEU H 107 -38.37 -1.60 -7.01
N THR H 108 -38.83 -1.45 -5.77
CA THR H 108 -38.48 -0.29 -4.97
C THR H 108 -38.04 -0.74 -3.61
N VAL H 109 -37.24 0.10 -2.96
CA VAL H 109 -36.62 -0.21 -1.67
C VAL H 109 -37.65 -0.51 -0.54
N GLY H 110 -38.75 0.24 -0.55
CA GLY H 110 -39.81 0.05 0.45
C GLY H 110 -40.63 -1.22 0.23
N ARG H 111 -40.58 -1.74 -1.01
CA ARG H 111 -41.31 -2.96 -1.38
C ARG H 111 -40.35 -4.01 -1.93
N ASN H 112 -39.48 -4.52 -1.06
CA ASN H 112 -38.43 -5.43 -1.53
C ASN H 112 -38.58 -6.92 -1.11
N ILE H 113 -39.82 -7.42 -1.14
CA ILE H 113 -40.09 -8.86 -1.16
C ILE H 113 -39.78 -9.65 0.12
N ILE H 114 -38.60 -9.40 0.72
CA ILE H 114 -38.10 -10.28 1.76
C ILE H 114 -37.09 -9.60 2.69
N HIS H 115 -37.14 -9.99 3.96
CA HIS H 115 -36.17 -9.55 4.92
C HIS H 115 -35.28 -10.70 5.35
N GLY H 116 -34.01 -10.38 5.55
CA GLY H 116 -33.03 -11.31 6.10
C GLY H 116 -32.16 -10.64 7.17
N SER H 117 -31.92 -11.35 8.26
CA SER H 117 -31.11 -10.81 9.36
C SER H 117 -29.77 -10.36 8.79
N ASP H 118 -29.31 -9.18 9.20
CA ASP H 118 -28.04 -8.66 8.66
C ASP H 118 -26.77 -9.10 9.42
N SER H 119 -26.92 -9.82 10.53
CA SER H 119 -25.78 -10.33 11.27
C SER H 119 -26.15 -11.51 12.16
N LEU H 120 -25.12 -12.17 12.70
CA LEU H 120 -25.33 -13.23 13.69
C LEU H 120 -26.08 -12.70 14.91
N GLU H 121 -25.72 -11.50 15.34
CA GLU H 121 -26.32 -10.84 16.51
C GLU H 121 -27.83 -10.67 16.30
N SER H 122 -28.21 -9.95 15.23
CA SER H 122 -29.62 -9.70 14.89
C SER H 122 -30.38 -10.99 14.50
N ALA H 123 -29.67 -12.00 13.97
CA ALA H 123 -30.28 -13.32 13.73
C ALA H 123 -30.80 -13.96 15.02
N GLU H 124 -29.94 -14.20 16.00
CA GLU H 124 -30.36 -14.63 17.35
C GLU H 124 -31.51 -13.76 17.93
N ARG H 125 -31.36 -12.44 17.88
CA ARG H 125 -32.42 -11.50 18.31
C ARG H 125 -33.76 -11.69 17.57
N GLU H 126 -33.72 -11.63 16.24
CA GLU H 126 -34.93 -11.79 15.41
C GLU H 126 -35.60 -13.16 15.55
N ILE H 127 -34.79 -14.22 15.61
CA ILE H 127 -35.31 -15.58 15.84
C ILE H 127 -36.05 -15.69 17.17
N ASN H 128 -35.45 -15.20 18.25
CA ASN H 128 -36.11 -15.24 19.58
C ASN H 128 -37.37 -14.40 19.69
N LEU H 129 -37.38 -13.28 18.97
CA LEU H 129 -38.52 -12.40 18.93
C LEU H 129 -39.74 -13.00 18.19
N TRP H 130 -39.50 -13.66 17.05
CA TRP H 130 -40.60 -14.15 16.22
C TRP H 130 -41.02 -15.58 16.53
N PHE H 131 -40.10 -16.36 17.13
CA PHE H 131 -40.32 -17.79 17.31
C PHE H 131 -40.01 -18.21 18.75
N ASN H 132 -40.77 -19.18 19.24
CA ASN H 132 -40.38 -19.89 20.45
C ASN H 132 -39.62 -21.14 20.03
N GLU H 133 -38.80 -21.69 20.92
CA GLU H 133 -37.97 -22.85 20.55
C GLU H 133 -38.74 -24.18 20.26
N ASN H 134 -40.04 -24.22 20.56
CA ASN H 134 -40.88 -25.38 20.23
C ASN H 134 -41.48 -25.29 18.83
N GLU H 135 -41.47 -24.09 18.25
CA GLU H 135 -41.88 -23.90 16.86
C GLU H 135 -40.72 -24.18 15.89
N ILE H 136 -39.52 -24.35 16.43
CA ILE H 136 -38.34 -24.58 15.59
C ILE H 136 -37.92 -26.04 15.66
N THR H 137 -37.98 -26.69 14.51
CA THR H 137 -37.69 -28.12 14.42
C THR H 137 -36.20 -28.34 14.13
N SER H 138 -35.71 -29.54 14.44
CA SER H 138 -34.34 -29.94 14.09
C SER H 138 -34.42 -31.32 13.45
N TYR H 139 -33.88 -31.44 12.23
CA TYR H 139 -33.95 -32.69 11.50
C TYR H 139 -32.82 -32.82 10.50
N ALA H 140 -32.33 -34.05 10.36
CA ALA H 140 -31.34 -34.40 9.31
C ALA H 140 -32.05 -34.53 7.95
N SER H 141 -31.38 -34.11 6.88
CA SER H 141 -31.94 -34.21 5.54
C SER H 141 -31.01 -35.04 4.65
N PRO H 142 -31.60 -35.81 3.73
CA PRO H 142 -30.86 -36.67 2.82
C PRO H 142 -29.70 -35.95 2.10
N ARG H 143 -29.91 -34.68 1.76
CA ARG H 143 -28.96 -33.90 0.98
C ARG H 143 -27.82 -33.29 1.83
N ASP H 144 -27.97 -33.30 3.15
CA ASP H 144 -26.96 -32.73 4.04
C ASP H 144 -25.54 -33.24 3.74
N ALA H 145 -25.41 -34.54 3.54
CA ALA H 145 -24.13 -35.17 3.20
C ALA H 145 -23.59 -34.76 1.81
N TRP H 146 -24.42 -34.09 1.02
CA TRP H 146 -24.00 -33.65 -0.32
C TRP H 146 -23.87 -32.14 -0.41
N LEU H 147 -24.22 -31.46 0.67
CA LEU H 147 -24.01 -30.02 0.73
C LEU H 147 -22.70 -29.69 1.38
N TYR H 148 -22.26 -30.51 2.33
CA TYR H 148 -21.04 -30.25 3.13
C TYR H 148 -20.00 -31.36 3.06
N GLU H 149 -18.70 -31.04 3.25
CA GLU H 149 -17.62 -32.06 3.31
C GLU H 149 -17.78 -32.95 4.55
#